data_5ADW
#
_entry.id   5ADW
#
_cell.length_a   58.461
_cell.length_b   63.021
_cell.length_c   67.011
_cell.angle_alpha   83.36
_cell.angle_beta   76.57
_cell.angle_gamma   78.24
#
_symmetry.space_group_name_H-M   'P 1'
#
loop_
_entity.id
_entity.type
_entity.pdbx_description
1 polymer 'ENTEROCHELIN UPTAKE PERIPLASMIC BINDING PROTEIN'
2 non-polymer 'FE (III) ION'
3 non-polymer '2S-2-[(2,3-DIHYDROXYPHENYL)CARBONYLAMINO]-3-[(2S)-2-[(2,3-DIHYDROXYPHENYL)CARBONYLAMINO]-3-HYDROXY-PROPANOYL]OXY-PROPANOIC ACID'
4 non-polymer 'DIMETHYL SULFOXIDE'
5 water water
#
_entity_poly.entity_id   1
_entity_poly.type   'polypeptide(L)'
_entity_poly.pdbx_seq_one_letter_code
;LPISMSDEGDSFLVKDSLGENKIPKNPSKVVILDLGILDTFDALKLNDKVVGVPAKNLPKYLQQFKNKPSVGGVQQVDFE
AINALKPDLIIISGRQSKFYDKLKEIAPTLFVGLDNANFLSSFENNVLSVAKLYGLEKEALEKISDIKNEIEKAKSIVDE
DKKALIILTNSNKISAFGPQSRFGIIHDVLGINAVDENIKVGTHGKSINSEFILEKNPDYIFVVDRNVILGNKERAQGIL
DNALVAKTKAAQNKKIIYLDPEYWYLASGNGLESLKTMILEIKNAVK
;
_entity_poly.pdbx_strand_id   A,B,C
#
# COMPACT_ATOMS: atom_id res chain seq x y z
N LEU A 1 -13.44 -36.22 -21.07
CA LEU A 1 -12.81 -34.93 -20.74
C LEU A 1 -13.88 -34.03 -20.09
N PRO A 2 -14.92 -33.59 -20.81
CA PRO A 2 -15.71 -32.52 -20.18
C PRO A 2 -16.60 -33.01 -19.04
N ILE A 3 -17.09 -32.11 -18.21
CA ILE A 3 -18.00 -32.48 -17.16
C ILE A 3 -19.40 -32.47 -17.77
N SER A 4 -20.22 -33.48 -17.44
CA SER A 4 -21.61 -33.60 -17.93
C SER A 4 -22.49 -33.88 -16.74
N MET A 5 -23.73 -33.40 -16.72
CA MET A 5 -24.59 -33.43 -15.52
C MET A 5 -26.03 -33.77 -15.93
N SER A 6 -26.68 -34.68 -15.20
CA SER A 6 -28.13 -34.88 -15.37
C SER A 6 -28.85 -34.54 -14.08
N ASP A 7 -29.94 -33.78 -14.22
CA ASP A 7 -30.78 -33.41 -13.09
C ASP A 7 -31.55 -34.62 -12.51
N GLU A 8 -31.58 -34.74 -11.17
CA GLU A 8 -32.19 -35.89 -10.51
C GLU A 8 -32.88 -35.79 -9.12
N GLY A 9 -33.72 -34.82 -8.74
CA GLY A 9 -33.62 -33.42 -9.04
C GLY A 9 -33.38 -32.69 -7.72
N ASP A 10 -33.08 -33.38 -6.61
CA ASP A 10 -32.43 -32.74 -5.42
C ASP A 10 -30.89 -32.91 -5.52
N SER A 11 -30.44 -33.43 -6.65
CA SER A 11 -29.04 -33.60 -6.89
C SER A 11 -28.83 -33.75 -8.39
N PHE A 12 -27.57 -33.72 -8.79
CA PHE A 12 -27.16 -34.01 -10.15
C PHE A 12 -26.31 -35.30 -10.13
N LEU A 13 -26.42 -36.08 -11.17
CA LEU A 13 -25.46 -37.16 -11.39
C LEU A 13 -24.40 -36.54 -12.32
N VAL A 14 -23.16 -36.49 -11.85
CA VAL A 14 -22.09 -35.75 -12.54
C VAL A 14 -20.95 -36.66 -12.97
N LYS A 15 -20.52 -36.50 -14.20
CA LYS A 15 -19.37 -37.27 -14.73
C LYS A 15 -18.30 -36.33 -15.23
N ASP A 16 -17.04 -36.60 -14.87
CA ASP A 16 -15.92 -35.81 -15.30
C ASP A 16 -14.80 -36.77 -15.63
N SER A 17 -13.63 -36.27 -16.00
CA SER A 17 -12.58 -37.13 -16.46
C SER A 17 -12.02 -38.07 -15.36
N LEU A 18 -12.29 -37.82 -14.07
CA LEU A 18 -11.78 -38.73 -13.02
C LEU A 18 -12.79 -39.74 -12.56
N GLY A 19 -14.08 -39.49 -12.74
CA GLY A 19 -15.09 -40.40 -12.30
C GLY A 19 -16.48 -39.83 -12.22
N GLU A 20 -17.31 -40.47 -11.39
CA GLU A 20 -18.74 -40.17 -11.25
C GLU A 20 -19.16 -39.89 -9.80
N ASN A 21 -20.08 -38.94 -9.63
CA ASN A 21 -20.57 -38.57 -8.32
C ASN A 21 -22.04 -38.16 -8.41
N LYS A 22 -22.79 -38.46 -7.36
CA LYS A 22 -24.05 -37.80 -7.04
C LYS A 22 -23.67 -36.53 -6.24
N ILE A 23 -23.96 -35.36 -6.80
CA ILE A 23 -23.72 -34.07 -6.09
C ILE A 23 -25.05 -33.38 -5.72
N PRO A 24 -25.27 -33.08 -4.44
CA PRO A 24 -26.51 -32.38 -4.11
C PRO A 24 -26.58 -30.97 -4.72
N LYS A 25 -27.78 -30.50 -4.98
CA LYS A 25 -27.99 -29.12 -5.42
C LYS A 25 -27.66 -28.21 -4.29
N ASN A 26 -27.20 -27.01 -4.62
CA ASN A 26 -26.91 -26.02 -3.63
C ASN A 26 -26.12 -26.56 -2.43
N PRO A 27 -24.97 -27.20 -2.68
CA PRO A 27 -24.12 -27.64 -1.53
C PRO A 27 -23.67 -26.52 -0.63
N SER A 28 -23.67 -26.74 0.67
CA SER A 28 -23.49 -25.70 1.65
C SER A 28 -22.16 -25.86 2.39
N LYS A 29 -21.39 -26.91 2.08
CA LYS A 29 -20.14 -27.10 2.78
C LYS A 29 -19.06 -27.58 1.79
N VAL A 30 -18.54 -26.65 1.01
CA VAL A 30 -17.67 -27.00 -0.08
C VAL A 30 -16.20 -26.75 0.29
N VAL A 31 -15.36 -27.77 0.06
CA VAL A 31 -13.93 -27.65 0.24
C VAL A 31 -13.36 -27.44 -1.16
N ILE A 32 -12.64 -26.34 -1.34
CA ILE A 32 -12.07 -26.01 -2.65
C ILE A 32 -10.56 -26.00 -2.65
N LEU A 33 -9.96 -26.79 -3.55
CA LEU A 33 -8.50 -26.83 -3.70
C LEU A 33 -7.99 -26.27 -5.00
N ASP A 34 -8.88 -25.93 -5.92
CA ASP A 34 -8.49 -25.16 -7.12
C ASP A 34 -8.68 -23.63 -6.91
N LEU A 35 -7.62 -22.83 -6.99
CA LEU A 35 -7.74 -21.42 -6.65
C LEU A 35 -8.60 -20.64 -7.66
N GLY A 36 -8.56 -21.03 -8.91
CA GLY A 36 -9.39 -20.36 -9.91
C GLY A 36 -10.86 -20.56 -9.62
N ILE A 37 -11.24 -21.77 -9.27
CA ILE A 37 -12.67 -22.03 -9.06
C ILE A 37 -13.14 -21.30 -7.76
N LEU A 38 -12.23 -21.15 -6.80
CA LEU A 38 -12.52 -20.37 -5.58
C LEU A 38 -12.86 -18.91 -5.93
N ASP A 39 -12.11 -18.32 -6.87
CA ASP A 39 -12.39 -16.96 -7.33
C ASP A 39 -13.73 -16.92 -8.00
N THR A 40 -14.05 -17.97 -8.73
CA THR A 40 -15.38 -18.07 -9.35
C THR A 40 -16.52 -18.16 -8.37
N PHE A 41 -16.37 -18.86 -7.26
CA PHE A 41 -17.32 -18.81 -6.18
C PHE A 41 -17.52 -17.38 -5.70
N ASP A 42 -16.45 -16.64 -5.56
CA ASP A 42 -16.62 -15.22 -5.16
C ASP A 42 -17.46 -14.44 -6.19
N ALA A 43 -17.09 -14.57 -7.43
CA ALA A 43 -17.73 -13.83 -8.53
C ALA A 43 -19.25 -14.15 -8.61
N LEU A 44 -19.61 -15.38 -8.29
CA LEU A 44 -21.00 -15.83 -8.27
C LEU A 44 -21.75 -15.61 -6.97
N LYS A 45 -21.09 -15.02 -5.97
CA LYS A 45 -21.70 -14.66 -4.71
C LYS A 45 -22.02 -15.92 -3.89
N LEU A 46 -21.13 -16.91 -3.96
CA LEU A 46 -21.28 -18.15 -3.24
C LEU A 46 -20.25 -18.29 -2.09
N ASN A 47 -19.74 -17.17 -1.59
CA ASN A 47 -18.72 -17.18 -0.54
C ASN A 47 -19.10 -18.00 0.66
N ASP A 48 -20.38 -17.90 1.01
CA ASP A 48 -20.85 -18.57 2.24
C ASP A 48 -20.94 -20.08 2.11
N LYS A 49 -20.83 -20.60 0.90
CA LYS A 49 -20.92 -22.01 0.69
C LYS A 49 -19.58 -22.67 1.00
N VAL A 50 -18.51 -21.89 1.03
CA VAL A 50 -17.13 -22.44 1.09
C VAL A 50 -16.81 -22.65 2.55
N VAL A 51 -16.38 -23.87 2.90
CA VAL A 51 -15.95 -24.22 4.29
C VAL A 51 -14.49 -24.65 4.44
N GLY A 52 -13.75 -24.76 3.35
CA GLY A 52 -12.29 -25.00 3.43
C GLY A 52 -11.50 -24.63 2.19
N VAL A 53 -10.35 -24.01 2.39
CA VAL A 53 -9.47 -23.54 1.34
C VAL A 53 -8.02 -23.85 1.69
N PRO A 54 -7.16 -23.89 0.68
CA PRO A 54 -5.75 -24.17 0.95
C PRO A 54 -5.08 -22.90 1.35
N ALA A 55 -5.13 -22.65 2.66
CA ALA A 55 -4.66 -21.36 3.18
C ALA A 55 -3.16 -21.22 3.04
N LYS A 56 -2.42 -22.34 3.04
CA LYS A 56 -0.98 -22.25 2.79
C LYS A 56 -0.60 -21.57 1.44
N ASN A 57 -1.45 -21.71 0.43
CA ASN A 57 -1.14 -21.10 -0.90
C ASN A 57 -2.21 -20.09 -1.29
N LEU A 58 -2.67 -19.25 -0.37
CA LEU A 58 -3.76 -18.31 -0.65
C LEU A 58 -3.17 -17.01 -1.15
N PRO A 59 -3.41 -16.65 -2.41
CA PRO A 59 -2.79 -15.46 -2.95
C PRO A 59 -3.45 -14.14 -2.54
N LYS A 60 -2.84 -13.05 -2.94
CA LYS A 60 -3.28 -11.72 -2.49
C LYS A 60 -4.66 -11.32 -2.90
N TYR A 61 -5.14 -11.82 -4.03
CA TYR A 61 -6.44 -11.51 -4.55
C TYR A 61 -7.56 -12.41 -3.99
N LEU A 62 -7.25 -13.31 -3.08
CA LEU A 62 -8.20 -14.20 -2.50
C LEU A 62 -8.20 -14.11 -0.97
N GLN A 63 -7.83 -12.94 -0.46
CA GLN A 63 -7.75 -12.74 1.00
C GLN A 63 -9.11 -12.61 1.71
N GLN A 64 -10.21 -12.44 0.97
CA GLN A 64 -11.55 -12.56 1.54
C GLN A 64 -11.84 -13.95 2.05
N PHE A 65 -11.00 -14.94 1.71
CA PHE A 65 -11.16 -16.30 2.19
C PHE A 65 -10.16 -16.62 3.30
N LYS A 66 -9.47 -15.64 3.83
CA LYS A 66 -8.33 -15.93 4.77
C LYS A 66 -8.81 -16.46 6.12
N ASN A 67 -10.06 -16.23 6.46
CA ASN A 67 -10.64 -16.76 7.70
C ASN A 67 -11.39 -18.07 7.59
N LYS A 68 -11.42 -18.66 6.38
CA LYS A 68 -12.06 -19.94 6.18
C LYS A 68 -11.13 -20.97 6.78
N PRO A 69 -11.67 -22.09 7.27
CA PRO A 69 -10.78 -23.19 7.75
C PRO A 69 -9.76 -23.65 6.69
N SER A 70 -8.50 -23.88 7.09
CA SER A 70 -7.43 -24.34 6.15
C SER A 70 -7.49 -25.84 5.92
N VAL A 71 -7.32 -26.25 4.67
CA VAL A 71 -7.15 -27.65 4.36
C VAL A 71 -5.77 -27.85 3.79
N GLY A 72 -4.85 -26.96 4.09
CA GLY A 72 -3.45 -27.17 3.82
C GLY A 72 -3.03 -26.42 2.60
N GLY A 73 -2.33 -27.10 1.70
CA GLY A 73 -1.84 -26.42 0.51
C GLY A 73 -2.34 -27.18 -0.71
N VAL A 74 -2.08 -26.63 -1.89
CA VAL A 74 -2.51 -27.26 -3.14
C VAL A 74 -1.79 -28.61 -3.44
N GLN A 75 -0.54 -28.72 -2.97
CA GLN A 75 0.20 -29.99 -2.94
C GLN A 75 0.11 -30.69 -1.56
N GLN A 76 0.30 -29.93 -0.48
CA GLN A 76 0.26 -30.52 0.88
C GLN A 76 -1.16 -30.52 1.45
N VAL A 77 -1.98 -31.40 0.92
CA VAL A 77 -3.39 -31.48 1.30
C VAL A 77 -3.57 -32.10 2.68
N ASP A 78 -4.40 -31.50 3.53
CA ASP A 78 -4.60 -31.97 4.92
C ASP A 78 -5.88 -32.76 5.03
N PHE A 79 -5.79 -34.08 4.87
CA PHE A 79 -6.97 -34.95 4.81
C PHE A 79 -7.77 -35.01 6.13
N GLU A 80 -7.07 -34.93 7.26
CA GLU A 80 -7.75 -35.00 8.57
C GLU A 80 -8.63 -33.73 8.70
N ALA A 81 -8.09 -32.59 8.29
CA ALA A 81 -8.83 -31.33 8.35
C ALA A 81 -10.05 -31.39 7.43
N ILE A 82 -9.89 -31.96 6.24
CA ILE A 82 -11.00 -32.09 5.30
C ILE A 82 -12.05 -32.94 5.92
N ASN A 83 -11.65 -34.09 6.43
CA ASN A 83 -12.60 -34.99 7.06
C ASN A 83 -13.33 -34.35 8.27
N ALA A 84 -12.60 -33.65 9.12
CA ALA A 84 -13.19 -33.00 10.28
C ALA A 84 -14.27 -31.99 9.91
N LEU A 85 -14.15 -31.37 8.74
CA LEU A 85 -15.16 -30.43 8.27
C LEU A 85 -16.44 -31.03 7.82
N LYS A 86 -16.45 -32.32 7.49
CA LYS A 86 -17.61 -33.03 6.95
C LYS A 86 -18.29 -32.34 5.76
N PRO A 87 -17.50 -32.18 4.69
CA PRO A 87 -17.98 -31.34 3.58
C PRO A 87 -18.97 -32.12 2.83
N ASP A 88 -19.83 -31.43 2.09
CA ASP A 88 -20.73 -32.12 1.18
C ASP A 88 -20.23 -32.10 -0.28
N LEU A 89 -19.15 -31.39 -0.56
CA LEU A 89 -18.50 -31.42 -1.89
C LEU A 89 -17.05 -30.97 -1.77
N ILE A 90 -16.16 -31.63 -2.54
CA ILE A 90 -14.79 -31.27 -2.67
C ILE A 90 -14.51 -31.00 -4.13
N ILE A 91 -13.83 -29.90 -4.42
CA ILE A 91 -13.53 -29.52 -5.81
C ILE A 91 -12.03 -29.41 -5.97
N ILE A 92 -11.50 -30.12 -6.97
CA ILE A 92 -10.10 -30.24 -7.22
C ILE A 92 -9.72 -30.03 -8.68
N SER A 93 -8.43 -29.83 -8.89
CA SER A 93 -7.85 -29.69 -10.24
C SER A 93 -6.66 -30.63 -10.32
N GLY A 94 -5.87 -30.56 -11.39
CA GLY A 94 -4.86 -31.60 -11.63
C GLY A 94 -3.79 -31.86 -10.53
N ARG A 95 -3.44 -30.85 -9.74
CA ARG A 95 -2.52 -31.04 -8.62
C ARG A 95 -2.99 -32.08 -7.61
N GLN A 96 -4.31 -32.32 -7.51
CA GLN A 96 -4.85 -33.25 -6.49
C GLN A 96 -5.38 -34.54 -7.06
N SER A 97 -5.25 -34.69 -8.38
CA SER A 97 -5.80 -35.88 -9.00
C SER A 97 -5.19 -37.20 -8.37
N LYS A 98 -3.94 -37.14 -7.96
CA LYS A 98 -3.28 -38.27 -7.29
C LYS A 98 -3.85 -38.62 -5.93
N PHE A 99 -4.63 -37.68 -5.35
CA PHE A 99 -5.36 -37.92 -4.10
C PHE A 99 -6.84 -38.22 -4.28
N TYR A 100 -7.30 -38.40 -5.51
CA TYR A 100 -8.74 -38.51 -5.76
C TYR A 100 -9.47 -39.54 -4.90
N ASP A 101 -8.97 -40.79 -4.88
CA ASP A 101 -9.70 -41.89 -4.19
C ASP A 101 -9.86 -41.61 -2.72
N LYS A 102 -8.79 -41.10 -2.10
CA LYS A 102 -8.74 -40.74 -0.71
C LYS A 102 -9.75 -39.60 -0.47
N LEU A 103 -9.84 -38.63 -1.39
CA LEU A 103 -10.79 -37.51 -1.21
C LEU A 103 -12.22 -38.00 -1.36
N LYS A 104 -12.43 -38.85 -2.37
CA LYS A 104 -13.78 -39.35 -2.66
C LYS A 104 -14.37 -40.25 -1.58
N GLU A 105 -13.53 -40.78 -0.69
CA GLU A 105 -14.03 -41.48 0.52
C GLU A 105 -14.68 -40.50 1.51
N ILE A 106 -14.24 -39.26 1.52
CA ILE A 106 -14.85 -38.27 2.41
C ILE A 106 -16.12 -37.67 1.83
N ALA A 107 -16.08 -37.32 0.57
CA ALA A 107 -17.21 -36.64 -0.02
C ALA A 107 -17.09 -36.66 -1.50
N PRO A 108 -18.22 -36.47 -2.22
CA PRO A 108 -18.25 -36.36 -3.65
C PRO A 108 -17.20 -35.33 -4.12
N THR A 109 -16.45 -35.67 -5.16
CA THR A 109 -15.27 -34.96 -5.52
C THR A 109 -15.32 -34.63 -7.00
N LEU A 110 -15.39 -33.31 -7.28
CA LEU A 110 -15.52 -32.76 -8.63
C LEU A 110 -14.20 -32.30 -9.17
N PHE A 111 -13.87 -32.76 -10.37
CA PHE A 111 -12.65 -32.38 -10.99
C PHE A 111 -12.92 -31.24 -11.98
N VAL A 112 -12.17 -30.15 -11.86
CA VAL A 112 -12.30 -28.96 -12.74
C VAL A 112 -10.99 -28.63 -13.39
N GLY A 113 -10.36 -29.63 -13.96
CA GLY A 113 -9.12 -29.45 -14.70
C GLY A 113 -9.28 -28.60 -15.93
N LEU A 114 -8.21 -27.92 -16.28
CA LEU A 114 -8.14 -27.13 -17.48
C LEU A 114 -7.42 -27.94 -18.53
N ASP A 115 -8.03 -28.05 -19.70
CA ASP A 115 -7.44 -28.77 -20.81
C ASP A 115 -6.51 -27.84 -21.59
N ASN A 116 -5.21 -28.04 -21.43
CA ASN A 116 -4.18 -27.24 -22.16
C ASN A 116 -4.41 -27.17 -23.68
N ALA A 117 -5.03 -28.19 -24.27
CA ALA A 117 -5.31 -28.17 -25.71
C ALA A 117 -6.60 -27.46 -26.05
N ASN A 118 -7.47 -27.19 -25.07
CA ASN A 118 -8.80 -26.57 -25.30
C ASN A 118 -9.18 -25.66 -24.14
N PHE A 119 -8.47 -24.58 -24.01
CA PHE A 119 -8.47 -23.85 -22.73
C PHE A 119 -9.82 -23.23 -22.51
N LEU A 120 -10.27 -22.48 -23.48
CA LEU A 120 -11.54 -21.78 -23.36
C LEU A 120 -12.75 -22.69 -23.11
N SER A 121 -12.82 -23.81 -23.81
CA SER A 121 -14.02 -24.68 -23.65
C SER A 121 -14.06 -25.38 -22.31
N SER A 122 -12.89 -25.79 -21.80
CA SER A 122 -12.81 -26.36 -20.48
C SER A 122 -13.15 -25.31 -19.41
N PHE A 123 -12.63 -24.10 -19.61
CA PHE A 123 -12.89 -22.98 -18.67
C PHE A 123 -14.42 -22.76 -18.56
N GLU A 124 -15.07 -22.72 -19.72
CA GLU A 124 -16.50 -22.51 -19.78
C GLU A 124 -17.27 -23.62 -19.12
N ASN A 125 -16.89 -24.83 -19.45
CA ASN A 125 -17.50 -26.01 -18.89
C ASN A 125 -17.32 -26.10 -17.39
N ASN A 126 -16.12 -25.74 -16.88
CA ASN A 126 -15.91 -25.72 -15.42
C ASN A 126 -16.79 -24.73 -14.72
N VAL A 127 -16.80 -23.51 -15.25
CA VAL A 127 -17.58 -22.46 -14.65
C VAL A 127 -19.10 -22.76 -14.71
N LEU A 128 -19.55 -23.24 -15.86
CA LEU A 128 -21.01 -23.43 -16.03
C LEU A 128 -21.53 -24.62 -15.23
N SER A 129 -20.67 -25.62 -15.03
CA SER A 129 -21.04 -26.76 -14.19
C SER A 129 -21.19 -26.38 -12.74
N VAL A 130 -20.23 -25.59 -12.23
CA VAL A 130 -20.36 -25.07 -10.90
C VAL A 130 -21.61 -24.21 -10.75
N ALA A 131 -21.87 -23.34 -11.71
CA ALA A 131 -23.04 -22.47 -11.63
C ALA A 131 -24.39 -23.25 -11.73
N LYS A 132 -24.41 -24.35 -12.47
CA LYS A 132 -25.60 -25.25 -12.55
C LYS A 132 -25.99 -25.81 -11.19
N LEU A 133 -24.98 -26.17 -10.41
CA LEU A 133 -25.25 -26.67 -9.09
C LEU A 133 -26.12 -25.69 -8.29
N TYR A 134 -26.03 -24.39 -8.60
CA TYR A 134 -26.70 -23.34 -7.82
C TYR A 134 -27.81 -22.60 -8.54
N GLY A 135 -28.12 -23.02 -9.74
CA GLY A 135 -29.10 -22.33 -10.59
C GLY A 135 -28.65 -20.94 -11.06
N LEU A 136 -27.35 -20.78 -11.34
CA LEU A 136 -26.76 -19.45 -11.63
C LEU A 136 -26.20 -19.39 -13.01
N GLU A 137 -26.70 -20.23 -13.88
CA GLU A 137 -26.29 -20.17 -15.28
C GLU A 137 -26.34 -18.80 -15.94
N LYS A 138 -27.41 -18.05 -15.73
CA LYS A 138 -27.57 -16.72 -16.39
C LYS A 138 -26.45 -15.75 -16.00
N GLU A 139 -26.14 -15.73 -14.71
CA GLU A 139 -25.11 -14.89 -14.22
C GLU A 139 -23.76 -15.33 -14.79
N ALA A 140 -23.47 -16.63 -14.79
CA ALA A 140 -22.21 -17.17 -15.24
C ALA A 140 -22.02 -16.88 -16.72
N LEU A 141 -23.07 -17.07 -17.50
CA LEU A 141 -22.96 -16.74 -18.90
C LEU A 141 -22.64 -15.30 -19.16
N GLU A 142 -23.20 -14.36 -18.39
CA GLU A 142 -22.91 -12.94 -18.61
C GLU A 142 -21.44 -12.70 -18.33
N LYS A 143 -20.92 -13.28 -17.26
CA LYS A 143 -19.49 -13.08 -16.92
C LYS A 143 -18.52 -13.81 -17.84
N ILE A 144 -18.95 -14.92 -18.42
CA ILE A 144 -18.18 -15.60 -19.47
C ILE A 144 -18.09 -14.70 -20.67
N SER A 145 -19.25 -14.12 -21.05
CA SER A 145 -19.25 -13.14 -22.16
C SER A 145 -18.28 -11.99 -21.91
N ASP A 146 -18.22 -11.44 -20.69
CA ASP A 146 -17.33 -10.30 -20.48
C ASP A 146 -15.90 -10.78 -20.72
N ILE A 147 -15.57 -12.01 -20.32
CA ILE A 147 -14.24 -12.55 -20.55
C ILE A 147 -13.91 -12.60 -22.06
N LYS A 148 -14.85 -13.06 -22.86
CA LYS A 148 -14.66 -13.16 -24.30
C LYS A 148 -14.39 -11.81 -24.91
N ASN A 149 -15.05 -10.77 -24.41
CA ASN A 149 -14.86 -9.45 -24.91
C ASN A 149 -13.48 -8.92 -24.51
N GLU A 150 -13.01 -9.24 -23.31
CA GLU A 150 -11.68 -8.86 -22.91
C GLU A 150 -10.64 -9.55 -23.77
N ILE A 151 -10.92 -10.80 -24.15
CA ILE A 151 -10.02 -11.56 -25.01
C ILE A 151 -9.92 -10.86 -26.37
N GLU A 152 -11.06 -10.42 -26.93
CA GLU A 152 -11.06 -9.75 -28.21
C GLU A 152 -10.35 -8.41 -28.16
N LYS A 153 -10.51 -7.66 -27.09
CA LYS A 153 -9.76 -6.39 -26.90
C LYS A 153 -8.28 -6.64 -26.89
N ALA A 154 -7.84 -7.73 -26.25
CA ALA A 154 -6.40 -8.03 -26.15
C ALA A 154 -5.77 -8.42 -27.49
N LYS A 155 -6.48 -9.30 -28.19
CA LYS A 155 -6.08 -9.74 -29.50
C LYS A 155 -5.95 -8.64 -30.52
N SER A 156 -6.81 -7.66 -30.41
CA SER A 156 -6.90 -6.51 -31.26
C SER A 156 -5.61 -5.75 -31.41
N ILE A 157 -4.79 -5.78 -30.35
CA ILE A 157 -3.59 -4.92 -30.27
C ILE A 157 -2.31 -5.72 -30.50
N VAL A 158 -2.41 -7.02 -30.75
CA VAL A 158 -1.20 -7.85 -30.88
C VAL A 158 -0.52 -7.59 -32.22
N ASP A 159 0.80 -7.48 -32.18
CA ASP A 159 1.56 -7.22 -33.40
C ASP A 159 1.89 -8.56 -34.00
N GLU A 160 1.29 -8.87 -35.13
CA GLU A 160 1.40 -10.16 -35.76
C GLU A 160 2.82 -10.56 -36.22
N ASP A 161 3.72 -9.60 -36.38
CA ASP A 161 5.12 -9.86 -36.77
C ASP A 161 6.05 -10.12 -35.60
N LYS A 162 5.61 -9.95 -34.37
CA LYS A 162 6.49 -10.23 -33.26
C LYS A 162 6.26 -11.61 -32.66
N LYS A 163 7.26 -12.13 -31.97
CA LYS A 163 7.24 -13.46 -31.38
C LYS A 163 7.66 -13.46 -29.93
N ALA A 164 7.08 -14.39 -29.18
CA ALA A 164 7.36 -14.51 -27.74
C ALA A 164 7.85 -15.88 -27.34
N LEU A 165 8.70 -15.91 -26.31
CA LEU A 165 9.08 -17.11 -25.65
C LEU A 165 8.56 -17.07 -24.19
N ILE A 166 8.00 -18.17 -23.72
CA ILE A 166 7.53 -18.33 -22.31
C ILE A 166 8.52 -19.18 -21.56
N ILE A 167 9.04 -18.66 -20.43
CA ILE A 167 9.96 -19.40 -19.58
C ILE A 167 9.54 -19.43 -18.12
N LEU A 168 9.95 -20.52 -17.45
CA LEU A 168 9.76 -20.72 -16.05
C LEU A 168 11.16 -20.77 -15.44
N THR A 169 11.36 -20.06 -14.36
CA THR A 169 12.64 -20.14 -13.66
C THR A 169 12.39 -20.79 -12.34
N ASN A 170 13.34 -21.66 -11.99
CA ASN A 170 13.33 -22.40 -10.73
C ASN A 170 14.79 -22.62 -10.26
N SER A 171 15.06 -22.25 -9.01
CA SER A 171 16.44 -22.08 -8.53
C SER A 171 17.22 -21.36 -9.63
N ASN A 172 18.34 -21.93 -10.12
CA ASN A 172 19.04 -21.37 -11.28
C ASN A 172 18.63 -21.96 -12.66
N LYS A 173 17.63 -22.81 -12.73
CA LYS A 173 17.29 -23.46 -13.99
C LYS A 173 16.20 -22.71 -14.76
N ILE A 174 16.31 -22.77 -16.09
CA ILE A 174 15.35 -22.18 -17.02
C ILE A 174 14.66 -23.29 -17.83
N SER A 175 13.35 -23.25 -17.95
CA SER A 175 12.67 -24.09 -18.89
C SER A 175 11.67 -23.32 -19.70
N ALA A 176 11.37 -23.89 -20.87
CA ALA A 176 10.58 -23.21 -21.88
C ALA A 176 9.24 -23.88 -22.07
N PHE A 177 8.22 -23.11 -22.45
CA PHE A 177 6.88 -23.63 -22.63
C PHE A 177 6.37 -22.98 -23.90
N GLY A 178 5.52 -23.70 -24.63
CA GLY A 178 4.96 -23.21 -25.86
C GLY A 178 3.44 -23.38 -25.94
N PRO A 179 2.91 -23.39 -27.16
CA PRO A 179 1.49 -23.62 -27.43
C PRO A 179 1.01 -24.95 -26.79
N GLN A 180 -0.23 -24.95 -26.28
CA GLN A 180 -0.82 -26.10 -25.65
C GLN A 180 -0.15 -26.53 -24.37
N SER A 181 0.64 -25.67 -23.71
CA SER A 181 1.23 -26.02 -22.40
C SER A 181 0.37 -25.43 -21.28
N ARG A 182 0.87 -25.50 -20.05
CA ARG A 182 0.15 -24.85 -18.93
C ARG A 182 0.07 -23.33 -19.03
N PHE A 183 0.93 -22.72 -19.84
CA PHE A 183 0.90 -21.26 -20.05
C PHE A 183 0.45 -20.90 -21.47
N GLY A 184 -0.08 -21.87 -22.20
CA GLY A 184 -0.26 -21.70 -23.65
C GLY A 184 -1.28 -20.66 -24.07
N ILE A 185 -2.13 -20.22 -23.13
CA ILE A 185 -3.10 -19.18 -23.35
C ILE A 185 -2.50 -17.96 -24.08
N ILE A 186 -1.26 -17.60 -23.74
CA ILE A 186 -0.56 -16.50 -24.37
C ILE A 186 -0.50 -16.66 -25.89
N HIS A 187 -0.24 -17.90 -26.34
CA HIS A 187 -0.19 -18.17 -27.82
C HIS A 187 -1.52 -18.62 -28.37
N ASP A 188 -2.20 -19.48 -27.62
CA ASP A 188 -3.37 -20.20 -28.12
C ASP A 188 -4.64 -19.38 -28.09
N VAL A 189 -4.77 -18.49 -27.11
CA VAL A 189 -5.98 -17.67 -27.00
C VAL A 189 -5.79 -16.21 -27.34
N LEU A 190 -4.67 -15.64 -26.91
CA LEU A 190 -4.46 -14.22 -27.07
C LEU A 190 -3.78 -13.89 -28.36
N GLY A 191 -3.49 -14.90 -29.18
CA GLY A 191 -2.90 -14.67 -30.47
C GLY A 191 -1.43 -14.25 -30.59
N ILE A 192 -0.65 -14.30 -29.52
CA ILE A 192 0.76 -13.89 -29.64
C ILE A 192 1.58 -15.05 -30.26
N ASN A 193 2.26 -14.79 -31.37
CA ASN A 193 3.12 -15.86 -31.99
C ASN A 193 4.25 -16.31 -31.14
N ALA A 194 4.60 -17.58 -31.32
CA ALA A 194 5.68 -18.21 -30.61
C ALA A 194 6.99 -18.20 -31.37
N VAL A 195 8.10 -18.06 -30.67
CA VAL A 195 9.41 -18.20 -31.35
C VAL A 195 9.65 -19.64 -31.75
N ASP A 196 9.06 -20.59 -31.02
CA ASP A 196 9.14 -22.02 -31.36
C ASP A 196 7.80 -22.74 -31.06
N GLU A 197 7.03 -23.04 -32.11
CA GLU A 197 5.75 -23.71 -31.97
C GLU A 197 5.92 -25.17 -31.57
N ASN A 198 7.14 -25.74 -31.63
CA ASN A 198 7.32 -27.19 -31.40
C ASN A 198 8.00 -27.55 -30.07
N ILE A 199 7.80 -26.75 -29.05
CA ILE A 199 8.34 -27.09 -27.72
C ILE A 199 7.47 -28.22 -27.17
N LYS A 200 8.10 -29.35 -26.82
CA LYS A 200 7.40 -30.46 -26.19
C LYS A 200 6.83 -30.03 -24.82
N VAL A 201 5.54 -30.20 -24.67
CA VAL A 201 4.86 -29.83 -23.44
C VAL A 201 5.13 -30.82 -22.32
N GLY A 202 5.26 -30.26 -21.12
CA GLY A 202 5.50 -31.04 -19.90
C GLY A 202 5.26 -30.08 -18.75
N THR A 203 5.06 -30.64 -17.57
CA THR A 203 4.50 -29.90 -16.46
C THR A 203 5.39 -28.73 -16.02
N HIS A 204 6.69 -29.00 -15.92
CA HIS A 204 7.67 -27.99 -15.53
C HIS A 204 8.66 -27.69 -16.71
N GLY A 205 8.32 -28.17 -17.93
CA GLY A 205 8.79 -27.58 -19.21
C GLY A 205 10.04 -28.21 -19.78
N LYS A 206 10.48 -27.70 -20.94
CA LYS A 206 11.75 -28.11 -21.59
C LYS A 206 12.93 -27.35 -21.07
N SER A 207 13.93 -28.10 -20.62
CA SER A 207 15.16 -27.49 -20.14
C SER A 207 15.96 -26.72 -21.24
N ILE A 208 16.34 -25.48 -20.96
CA ILE A 208 17.06 -24.64 -21.91
C ILE A 208 18.07 -23.76 -21.18
N ASN A 209 18.86 -23.00 -21.92
CA ASN A 209 19.82 -22.09 -21.31
C ASN A 209 19.76 -20.79 -22.08
N SER A 210 20.60 -19.83 -21.70
CA SER A 210 20.57 -18.51 -22.29
C SER A 210 21.00 -18.49 -23.75
N GLU A 211 21.85 -19.43 -24.16
CA GLU A 211 22.28 -19.49 -25.55
C GLU A 211 21.05 -19.72 -26.43
N PHE A 212 20.19 -20.61 -25.99
CA PHE A 212 18.93 -20.91 -26.66
C PHE A 212 18.00 -19.67 -26.80
N ILE A 213 17.91 -18.88 -25.73
CA ILE A 213 17.11 -17.66 -25.72
C ILE A 213 17.64 -16.68 -26.77
N LEU A 214 18.96 -16.51 -26.78
CA LEU A 214 19.58 -15.64 -27.77
C LEU A 214 19.35 -16.13 -29.18
N GLU A 215 19.53 -17.43 -29.39
CA GLU A 215 19.31 -18.02 -30.71
C GLU A 215 17.92 -17.73 -31.22
N LYS A 216 16.91 -17.87 -30.37
CA LYS A 216 15.56 -17.58 -30.79
C LYS A 216 15.33 -16.08 -30.92
N ASN A 217 16.00 -15.29 -30.10
CA ASN A 217 15.85 -13.83 -30.15
C ASN A 217 14.40 -13.35 -30.16
N PRO A 218 13.66 -13.71 -29.11
CA PRO A 218 12.28 -13.25 -29.03
C PRO A 218 12.11 -11.73 -28.90
N ASP A 219 11.01 -11.22 -29.40
CA ASP A 219 10.62 -9.82 -29.15
C ASP A 219 10.07 -9.60 -27.74
N TYR A 220 9.45 -10.63 -27.18
CA TYR A 220 8.90 -10.60 -25.83
C TYR A 220 9.35 -11.92 -25.14
N ILE A 221 9.77 -11.83 -23.89
CA ILE A 221 9.95 -12.98 -23.05
C ILE A 221 9.00 -12.86 -21.85
N PHE A 222 8.11 -13.84 -21.71
CA PHE A 222 7.19 -13.91 -20.60
C PHE A 222 7.78 -14.88 -19.58
N VAL A 223 8.00 -14.38 -18.36
CA VAL A 223 8.70 -15.12 -17.34
C VAL A 223 7.77 -15.45 -16.15
N VAL A 224 7.71 -16.73 -15.76
CA VAL A 224 6.99 -17.15 -14.59
C VAL A 224 8.09 -17.60 -13.62
N ASP A 225 8.27 -16.85 -12.53
CA ASP A 225 9.33 -17.18 -11.55
C ASP A 225 8.78 -18.03 -10.43
N ARG A 226 9.02 -19.33 -10.52
CA ARG A 226 8.56 -20.32 -9.51
C ARG A 226 9.26 -20.07 -8.16
N ASN A 227 10.44 -19.45 -8.17
CA ASN A 227 11.18 -19.13 -6.94
C ASN A 227 10.33 -18.34 -5.96
N VAL A 228 9.47 -17.48 -6.48
CA VAL A 228 8.64 -16.64 -5.63
C VAL A 228 7.66 -17.48 -4.82
N ILE A 229 7.11 -18.52 -5.42
CA ILE A 229 6.11 -19.38 -4.77
C ILE A 229 6.78 -20.28 -3.75
N LEU A 230 7.96 -20.83 -4.07
CA LEU A 230 8.68 -21.74 -3.17
C LEU A 230 9.55 -21.03 -2.13
N GLY A 231 9.61 -19.71 -2.19
CA GLY A 231 10.44 -18.94 -1.25
C GLY A 231 11.93 -19.23 -1.33
N ASN A 232 12.45 -19.53 -2.52
CA ASN A 232 13.91 -19.54 -2.72
C ASN A 232 14.39 -18.10 -2.74
N LYS A 233 15.70 -17.91 -2.70
CA LYS A 233 16.26 -16.55 -2.68
C LYS A 233 16.53 -16.02 -4.08
N GLU A 234 16.71 -16.90 -5.06
CA GLU A 234 17.11 -16.48 -6.39
C GLU A 234 15.91 -15.93 -7.11
N ARG A 235 16.19 -15.09 -8.10
CA ARG A 235 15.14 -14.44 -8.85
C ARG A 235 15.47 -14.44 -10.32
N ALA A 236 14.42 -14.56 -11.13
CA ALA A 236 14.59 -14.59 -12.55
C ALA A 236 15.37 -13.42 -13.05
N GLN A 237 15.19 -12.25 -12.44
CA GLN A 237 15.91 -11.08 -12.93
C GLN A 237 17.43 -11.34 -12.85
N GLY A 238 17.87 -12.08 -11.84
CA GLY A 238 19.29 -12.40 -11.67
C GLY A 238 19.77 -13.36 -12.72
N ILE A 239 19.05 -14.47 -12.84
CA ILE A 239 19.34 -15.49 -13.86
C ILE A 239 19.46 -14.88 -15.24
N LEU A 240 18.59 -13.92 -15.57
CA LEU A 240 18.57 -13.36 -16.91
C LEU A 240 19.48 -12.17 -17.10
N ASP A 241 20.20 -11.78 -16.07
CA ASP A 241 21.09 -10.64 -16.17
C ASP A 241 22.46 -11.19 -16.69
N ASN A 242 22.53 -11.46 -17.98
CA ASN A 242 23.75 -11.96 -18.60
C ASN A 242 23.83 -11.47 -20.03
N ALA A 243 24.99 -11.64 -20.63
CA ALA A 243 25.30 -11.00 -21.89
C ALA A 243 24.55 -11.60 -23.07
N LEU A 244 24.19 -12.87 -22.99
CA LEU A 244 23.46 -13.50 -24.06
C LEU A 244 22.01 -12.94 -24.14
N VAL A 245 21.33 -12.91 -23.00
CA VAL A 245 19.98 -12.38 -22.93
C VAL A 245 20.00 -10.89 -23.26
N ALA A 246 20.95 -10.14 -22.67
CA ALA A 246 21.05 -8.71 -22.87
C ALA A 246 21.03 -8.33 -24.36
N LYS A 247 21.58 -9.18 -25.22
CA LYS A 247 21.63 -8.93 -26.67
C LYS A 247 20.27 -9.10 -27.38
N THR A 248 19.30 -9.72 -26.73
CA THR A 248 18.03 -10.02 -27.37
C THR A 248 17.12 -8.80 -27.59
N LYS A 249 16.23 -8.88 -28.59
CA LYS A 249 15.30 -7.80 -28.81
C LYS A 249 14.45 -7.52 -27.58
N ALA A 250 14.00 -8.59 -26.91
CA ALA A 250 13.21 -8.43 -25.70
C ALA A 250 13.93 -7.61 -24.64
N ALA A 251 15.21 -7.89 -24.40
CA ALA A 251 15.94 -7.20 -23.35
C ALA A 251 16.15 -5.74 -23.75
N GLN A 252 16.44 -5.52 -25.03
CA GLN A 252 16.75 -4.18 -25.48
C GLN A 252 15.55 -3.28 -25.48
N ASN A 253 14.38 -3.83 -25.72
CA ASN A 253 13.15 -3.05 -25.74
C ASN A 253 12.39 -3.10 -24.40
N LYS A 254 13.04 -3.65 -23.37
CA LYS A 254 12.41 -3.84 -22.06
C LYS A 254 11.07 -4.54 -22.14
N LYS A 255 11.06 -5.68 -22.84
CA LYS A 255 9.90 -6.53 -22.96
C LYS A 255 10.18 -7.89 -22.36
N ILE A 256 10.98 -7.92 -21.29
CA ILE A 256 11.06 -9.08 -20.45
C ILE A 256 9.99 -8.89 -19.35
N ILE A 257 8.94 -9.72 -19.37
CA ILE A 257 7.72 -9.48 -18.63
C ILE A 257 7.62 -10.50 -17.54
N TYR A 258 7.65 -10.03 -16.29
CA TYR A 258 7.60 -10.93 -15.11
C TYR A 258 6.17 -11.06 -14.72
N LEU A 259 5.57 -12.16 -15.11
CA LEU A 259 4.18 -12.41 -14.86
C LEU A 259 3.99 -12.85 -13.41
N ASP A 260 2.89 -12.42 -12.81
CA ASP A 260 2.58 -12.75 -11.42
C ASP A 260 2.35 -14.22 -11.25
N PRO A 261 3.25 -14.91 -10.56
CA PRO A 261 3.17 -16.35 -10.39
C PRO A 261 2.01 -16.82 -9.53
N GLU A 262 1.45 -15.92 -8.72
CA GLU A 262 0.27 -16.23 -7.91
C GLU A 262 -0.99 -16.42 -8.79
N TYR A 263 -0.94 -15.93 -10.03
CA TYR A 263 -1.96 -16.20 -11.04
C TYR A 263 -1.48 -17.34 -11.98
N TRP A 264 -0.30 -17.18 -12.55
CA TRP A 264 0.13 -18.06 -13.65
C TRP A 264 0.64 -19.42 -13.17
N TYR A 265 1.39 -19.46 -12.06
CA TYR A 265 1.93 -20.71 -11.54
C TYR A 265 0.92 -21.44 -10.68
N LEU A 266 0.34 -20.72 -9.73
CA LEU A 266 -0.76 -21.31 -8.93
C LEU A 266 -2.01 -21.62 -9.79
N ALA A 267 -2.15 -20.94 -10.92
CA ALA A 267 -3.00 -21.39 -12.06
C ALA A 267 -4.48 -21.19 -11.76
N SER A 268 -4.86 -19.93 -11.57
CA SER A 268 -6.23 -19.56 -11.27
C SER A 268 -7.04 -19.21 -12.51
N GLY A 269 -6.78 -19.98 -13.58
CA GLY A 269 -7.45 -19.81 -14.82
C GLY A 269 -8.93 -20.10 -14.84
N ASN A 270 -9.43 -20.85 -13.86
CA ASN A 270 -10.86 -21.08 -13.68
C ASN A 270 -11.68 -19.91 -13.04
N GLY A 271 -10.98 -18.82 -12.73
CA GLY A 271 -11.61 -17.72 -12.10
C GLY A 271 -12.19 -16.67 -13.03
N LEU A 272 -13.45 -16.34 -12.81
CA LEU A 272 -14.10 -15.30 -13.62
C LEU A 272 -13.48 -13.91 -13.48
N GLU A 273 -12.87 -13.60 -12.33
CA GLU A 273 -12.15 -12.36 -12.19
C GLU A 273 -10.66 -12.58 -12.42
N SER A 274 -10.11 -13.64 -11.90
CA SER A 274 -8.68 -13.83 -11.98
C SER A 274 -8.22 -14.12 -13.44
N LEU A 275 -9.04 -14.81 -14.24
CA LEU A 275 -8.67 -14.97 -15.67
C LEU A 275 -8.66 -13.60 -16.40
N LYS A 276 -9.63 -12.75 -16.13
CA LYS A 276 -9.65 -11.39 -16.66
C LYS A 276 -8.42 -10.64 -16.32
N THR A 277 -7.95 -10.75 -15.07
CA THR A 277 -6.70 -10.06 -14.67
C THR A 277 -5.49 -10.55 -15.47
N MET A 278 -5.42 -11.84 -15.69
CA MET A 278 -4.32 -12.42 -16.51
C MET A 278 -4.34 -11.90 -17.93
N ILE A 279 -5.51 -11.84 -18.51
CA ILE A 279 -5.66 -11.31 -19.89
C ILE A 279 -5.27 -9.89 -19.99
N LEU A 280 -5.72 -9.08 -19.04
CA LEU A 280 -5.23 -7.69 -18.92
C LEU A 280 -3.72 -7.58 -18.74
N GLU A 281 -3.13 -8.51 -18.02
CA GLU A 281 -1.69 -8.45 -17.73
C GLU A 281 -0.87 -8.67 -19.01
N ILE A 282 -1.36 -9.58 -19.84
CA ILE A 282 -0.74 -9.80 -21.16
C ILE A 282 -0.94 -8.59 -22.04
N LYS A 283 -2.17 -8.11 -22.10
CA LYS A 283 -2.50 -6.98 -22.98
C LYS A 283 -1.66 -5.77 -22.71
N ASN A 284 -1.61 -5.43 -21.43
CA ASN A 284 -0.82 -4.30 -21.02
C ASN A 284 0.68 -4.43 -21.22
N ALA A 285 1.19 -5.65 -21.25
CA ALA A 285 2.58 -5.89 -21.54
C ALA A 285 2.92 -5.69 -22.98
N VAL A 286 1.99 -5.93 -23.91
CA VAL A 286 2.33 -5.85 -25.33
C VAL A 286 1.72 -4.67 -26.09
N LYS A 287 0.76 -3.95 -25.53
CA LYS A 287 0.07 -2.89 -26.30
C LYS A 287 1.04 -1.77 -26.76
N LEU B 1 4.63 10.12 8.25
CA LEU B 1 5.24 10.65 6.98
C LEU B 1 4.52 10.25 5.64
N PRO B 2 3.65 11.14 5.07
CA PRO B 2 3.41 11.14 3.60
C PRO B 2 3.31 12.53 2.94
N ILE B 3 3.31 12.59 1.60
CA ILE B 3 2.91 13.81 0.85
C ILE B 3 1.71 13.57 -0.04
N SER B 4 0.79 14.53 -0.07
CA SER B 4 -0.13 14.50 -1.19
C SER B 4 -0.73 15.83 -1.48
N MET B 5 -1.38 15.87 -2.63
CA MET B 5 -1.61 17.12 -3.33
C MET B 5 -2.99 17.13 -3.90
N SER B 6 -3.68 18.27 -3.77
CA SER B 6 -4.90 18.49 -4.52
C SER B 6 -4.71 19.63 -5.51
N ASP B 7 -5.12 19.38 -6.75
CA ASP B 7 -5.08 20.36 -7.82
C ASP B 7 -6.09 21.49 -7.59
N GLU B 8 -5.70 22.72 -7.88
CA GLU B 8 -6.68 23.81 -7.98
C GLU B 8 -6.42 24.77 -9.14
N GLY B 9 -6.03 24.24 -10.30
CA GLY B 9 -5.61 25.04 -11.46
C GLY B 9 -4.17 25.54 -11.31
N ASP B 10 -4.01 26.82 -11.00
CA ASP B 10 -2.64 27.39 -10.94
C ASP B 10 -1.81 26.98 -9.70
N SER B 11 -2.36 26.12 -8.85
CA SER B 11 -1.81 25.84 -7.51
C SER B 11 -2.01 24.37 -7.20
N PHE B 12 -1.21 23.83 -6.27
CA PHE B 12 -1.58 22.64 -5.51
C PHE B 12 -1.62 22.99 -4.03
N LEU B 13 -2.58 22.41 -3.35
CA LEU B 13 -2.58 22.48 -1.91
C LEU B 13 -1.84 21.19 -1.51
N VAL B 14 -0.72 21.34 -0.82
CA VAL B 14 0.16 20.20 -0.53
C VAL B 14 0.31 19.97 0.97
N LYS B 15 0.16 18.73 1.38
CA LYS B 15 0.31 18.42 2.78
C LYS B 15 1.41 17.36 2.87
N ASP B 16 2.25 17.53 3.86
CA ASP B 16 3.32 16.61 4.15
C ASP B 16 3.43 16.54 5.65
N SER B 17 4.40 15.78 6.13
CA SER B 17 4.49 15.51 7.51
C SER B 17 4.84 16.73 8.39
N LEU B 18 5.21 17.84 7.77
CA LEU B 18 5.53 19.03 8.53
C LEU B 18 4.43 20.08 8.55
N GLY B 19 3.58 20.06 7.55
CA GLY B 19 2.52 21.05 7.46
C GLY B 19 1.89 21.13 6.09
N GLU B 20 1.25 22.26 5.84
CA GLU B 20 0.44 22.50 4.63
C GLU B 20 0.96 23.76 3.89
N ASN B 21 0.96 23.70 2.56
CA ASN B 21 1.41 24.80 1.71
C ASN B 21 0.59 24.87 0.43
N LYS B 22 0.33 26.10 -0.02
CA LYS B 22 -0.11 26.37 -1.38
C LYS B 22 1.18 26.48 -2.21
N ILE B 23 1.38 25.55 -3.16
CA ILE B 23 2.57 25.57 -4.02
C ILE B 23 2.16 25.86 -5.48
N PRO B 24 2.72 26.91 -6.10
CA PRO B 24 2.36 27.15 -7.50
C PRO B 24 2.81 26.02 -8.43
N LYS B 25 2.06 25.81 -9.52
CA LYS B 25 2.45 24.87 -10.58
C LYS B 25 3.74 25.44 -11.27
N ASN B 26 4.64 24.55 -11.75
CA ASN B 26 5.90 24.95 -12.41
C ASN B 26 6.67 26.09 -11.73
N PRO B 27 6.99 25.94 -10.42
CA PRO B 27 7.81 26.98 -9.73
C PRO B 27 9.14 27.20 -10.44
N SER B 28 9.54 28.44 -10.56
CA SER B 28 10.69 28.81 -11.36
C SER B 28 11.85 29.24 -10.47
N LYS B 29 11.67 29.30 -9.15
CA LYS B 29 12.76 29.77 -8.27
C LYS B 29 12.82 28.87 -7.03
N VAL B 30 13.42 27.70 -7.20
CA VAL B 30 13.42 26.70 -6.14
C VAL B 30 14.76 26.66 -5.39
N VAL B 31 14.71 26.82 -4.08
CA VAL B 31 15.89 26.60 -3.25
C VAL B 31 15.80 25.14 -2.77
N ILE B 32 16.86 24.37 -3.02
CA ILE B 32 16.87 22.90 -2.64
C ILE B 32 17.95 22.57 -1.62
N LEU B 33 17.53 22.09 -0.45
CA LEU B 33 18.49 21.71 0.57
C LEU B 33 18.66 20.18 0.72
N ASP B 34 17.83 19.42 0.02
CA ASP B 34 17.96 17.95 -0.09
C ASP B 34 18.77 17.53 -1.37
N LEU B 35 19.93 16.95 -1.18
CA LEU B 35 20.77 16.62 -2.34
C LEU B 35 20.17 15.56 -3.27
N GLY B 36 19.41 14.61 -2.72
CA GLY B 36 18.76 13.61 -3.59
C GLY B 36 17.75 14.20 -4.50
N ILE B 37 16.91 15.07 -3.96
CA ILE B 37 15.86 15.68 -4.79
C ILE B 37 16.53 16.65 -5.86
N LEU B 38 17.65 17.25 -5.51
CA LEU B 38 18.43 18.05 -6.49
C LEU B 38 18.84 17.16 -7.70
N ASP B 39 19.33 15.93 -7.44
CA ASP B 39 19.68 14.99 -8.49
C ASP B 39 18.48 14.67 -9.29
N THR B 40 17.35 14.52 -8.61
CA THR B 40 16.09 14.22 -9.33
C THR B 40 15.70 15.40 -10.23
N PHE B 41 15.88 16.64 -9.78
CA PHE B 41 15.66 17.82 -10.67
C PHE B 41 16.52 17.68 -11.93
N ASP B 42 17.78 17.32 -11.77
CA ASP B 42 18.61 17.08 -12.97
C ASP B 42 18.00 16.01 -13.88
N ALA B 43 17.67 14.87 -13.29
CA ALA B 43 17.17 13.74 -14.07
C ALA B 43 15.89 14.11 -14.83
N LEU B 44 15.08 14.98 -14.24
CA LEU B 44 13.86 15.46 -14.87
C LEU B 44 14.01 16.73 -15.76
N LYS B 45 15.23 17.24 -15.91
CA LYS B 45 15.55 18.37 -16.83
C LYS B 45 15.03 19.71 -16.32
N LEU B 46 15.06 19.87 -15.02
CA LEU B 46 14.50 21.02 -14.35
C LEU B 46 15.61 21.91 -13.80
N ASN B 47 16.81 21.75 -14.35
CA ASN B 47 18.01 22.47 -13.82
C ASN B 47 17.79 23.97 -13.75
N ASP B 48 17.04 24.50 -14.72
CA ASP B 48 16.80 25.95 -14.78
C ASP B 48 15.89 26.46 -13.68
N LYS B 49 15.17 25.54 -13.01
CA LYS B 49 14.21 25.95 -12.00
C LYS B 49 14.91 26.21 -10.69
N VAL B 50 16.13 25.73 -10.57
CA VAL B 50 16.85 25.77 -9.29
C VAL B 50 17.59 27.08 -9.18
N VAL B 51 17.36 27.81 -8.08
CA VAL B 51 18.07 29.09 -7.86
C VAL B 51 18.98 29.11 -6.64
N GLY B 52 18.97 28.05 -5.82
CA GLY B 52 19.92 27.99 -4.69
C GLY B 52 20.17 26.57 -4.21
N VAL B 53 21.41 26.31 -3.84
CA VAL B 53 21.84 24.98 -3.40
C VAL B 53 22.83 25.13 -2.27
N PRO B 54 22.98 24.09 -1.45
CA PRO B 54 23.96 24.18 -0.38
C PRO B 54 25.38 23.86 -0.90
N ALA B 55 26.06 24.89 -1.36
CA ALA B 55 27.28 24.69 -2.12
C ALA B 55 28.36 24.21 -1.20
N LYS B 56 28.27 24.53 0.10
CA LYS B 56 29.23 24.01 1.06
C LYS B 56 29.28 22.45 1.09
N ASN B 57 28.17 21.79 0.79
CA ASN B 57 28.11 20.30 0.81
C ASN B 57 27.66 19.80 -0.57
N LEU B 58 28.22 20.34 -1.64
CA LEU B 58 27.81 19.90 -2.98
C LEU B 58 28.71 18.79 -3.52
N PRO B 59 28.16 17.57 -3.80
CA PRO B 59 29.06 16.42 -4.04
C PRO B 59 29.48 16.30 -5.51
N LYS B 60 30.38 15.36 -5.78
CA LYS B 60 31.09 15.30 -7.06
C LYS B 60 30.17 14.99 -8.21
N TYR B 61 29.06 14.30 -7.95
CA TYR B 61 28.09 13.94 -9.01
C TYR B 61 27.03 15.02 -9.23
N LEU B 62 27.12 16.16 -8.55
CA LEU B 62 26.17 17.27 -8.70
C LEU B 62 26.84 18.58 -9.13
N GLN B 63 27.98 18.44 -9.82
CA GLN B 63 28.82 19.63 -10.05
C GLN B 63 28.22 20.53 -11.10
N GLN B 64 27.26 20.02 -11.85
CA GLN B 64 26.51 20.85 -12.77
C GLN B 64 25.70 21.97 -12.06
N PHE B 65 25.66 21.98 -10.73
CA PHE B 65 25.01 23.04 -9.99
C PHE B 65 25.99 23.96 -9.30
N LYS B 66 27.28 23.81 -9.61
CA LYS B 66 28.29 24.48 -8.82
C LYS B 66 28.24 26.02 -9.04
N ASN B 67 27.61 26.47 -10.12
CA ASN B 67 27.44 27.89 -10.42
C ASN B 67 26.17 28.52 -9.87
N LYS B 68 25.32 27.73 -9.20
CA LYS B 68 24.09 28.26 -8.63
C LYS B 68 24.44 29.05 -7.41
N PRO B 69 23.67 30.09 -7.07
CA PRO B 69 23.85 30.77 -5.79
C PRO B 69 23.84 29.79 -4.54
N SER B 70 24.71 30.02 -3.56
CA SER B 70 24.81 29.17 -2.37
C SER B 70 23.85 29.60 -1.28
N VAL B 71 23.23 28.62 -0.63
CA VAL B 71 22.48 28.90 0.57
C VAL B 71 23.13 28.23 1.78
N GLY B 72 24.43 27.97 1.68
CA GLY B 72 25.23 27.54 2.81
C GLY B 72 25.51 26.04 2.78
N GLY B 73 25.26 25.38 3.90
CA GLY B 73 25.38 23.91 3.99
C GLY B 73 24.09 23.24 4.49
N VAL B 74 24.05 21.92 4.47
CA VAL B 74 22.80 21.18 4.86
C VAL B 74 22.46 21.35 6.37
N GLN B 75 23.51 21.52 7.18
CA GLN B 75 23.39 21.85 8.59
C GLN B 75 23.62 23.36 8.89
N GLN B 76 24.56 24.03 8.18
CA GLN B 76 24.76 25.52 8.29
C GLN B 76 23.99 26.36 7.20
N VAL B 77 22.67 26.44 7.38
CA VAL B 77 21.74 27.07 6.45
C VAL B 77 21.83 28.62 6.53
N ASP B 78 21.93 29.28 5.39
CA ASP B 78 22.10 30.74 5.35
C ASP B 78 20.79 31.42 5.01
N PHE B 79 20.03 31.79 6.05
CA PHE B 79 18.66 32.32 5.89
C PHE B 79 18.59 33.66 5.14
N GLU B 80 19.60 34.53 5.35
CA GLU B 80 19.62 35.83 4.66
C GLU B 80 19.76 35.57 3.15
N ALA B 81 20.63 34.61 2.78
CA ALA B 81 20.85 34.26 1.38
C ALA B 81 19.58 33.71 0.74
N ILE B 82 18.88 32.87 1.48
CA ILE B 82 17.63 32.31 0.97
C ILE B 82 16.63 33.42 0.72
N ASN B 83 16.46 34.26 1.75
CA ASN B 83 15.55 35.41 1.67
C ASN B 83 15.88 36.32 0.48
N ALA B 84 17.16 36.59 0.28
CA ALA B 84 17.62 37.49 -0.83
C ALA B 84 17.29 36.90 -2.24
N LEU B 85 17.19 35.57 -2.33
CA LEU B 85 16.81 34.96 -3.61
C LEU B 85 15.34 35.09 -4.01
N LYS B 86 14.47 35.46 -3.04
CA LYS B 86 13.01 35.49 -3.26
C LYS B 86 12.48 34.19 -3.93
N PRO B 87 12.76 33.04 -3.30
CA PRO B 87 12.33 31.80 -3.96
C PRO B 87 10.82 31.65 -3.93
N ASP B 88 10.26 30.90 -4.89
CA ASP B 88 8.84 30.52 -4.79
C ASP B 88 8.62 29.20 -4.08
N LEU B 89 9.70 28.45 -3.81
CA LEU B 89 9.60 27.13 -3.16
C LEU B 89 10.94 26.81 -2.53
N ILE B 90 10.88 26.25 -1.34
CA ILE B 90 12.03 25.71 -0.67
C ILE B 90 11.77 24.22 -0.37
N ILE B 91 12.74 23.35 -0.68
CA ILE B 91 12.58 21.88 -0.51
C ILE B 91 13.62 21.41 0.48
N ILE B 92 13.15 20.79 1.56
CA ILE B 92 13.99 20.34 2.66
C ILE B 92 13.77 18.84 2.99
N SER B 93 14.67 18.32 3.82
CA SER B 93 14.55 16.95 4.34
C SER B 93 14.84 17.07 5.85
N GLY B 94 15.02 15.96 6.54
CA GLY B 94 15.05 15.97 8.01
C GLY B 94 16.08 16.84 8.68
N ARG B 95 17.23 17.04 8.06
CA ARG B 95 18.24 17.95 8.63
C ARG B 95 17.74 19.42 8.84
N GLN B 96 16.76 19.86 8.08
CA GLN B 96 16.28 21.25 8.19
C GLN B 96 14.92 21.38 8.91
N SER B 97 14.36 20.26 9.39
CA SER B 97 13.00 20.29 9.98
C SER B 97 12.93 21.23 11.16
N LYS B 98 14.02 21.31 11.91
CA LYS B 98 14.13 22.24 13.04
C LYS B 98 14.06 23.73 12.64
N PHE B 99 14.31 24.03 11.36
CA PHE B 99 14.24 25.40 10.82
C PHE B 99 12.96 25.67 10.06
N TYR B 100 12.02 24.74 10.07
CA TYR B 100 10.85 24.81 9.19
C TYR B 100 10.05 26.14 9.27
N ASP B 101 9.66 26.57 10.48
CA ASP B 101 8.81 27.77 10.65
C ASP B 101 9.49 29.03 10.12
N LYS B 102 10.77 29.19 10.42
CA LYS B 102 11.55 30.31 9.89
C LYS B 102 11.60 30.21 8.39
N LEU B 103 11.78 29.00 7.82
CA LEU B 103 11.86 28.83 6.37
C LEU B 103 10.52 29.19 5.73
N LYS B 104 9.46 28.72 6.36
CA LYS B 104 8.12 28.90 5.81
C LYS B 104 7.68 30.38 5.81
N GLU B 105 8.31 31.23 6.64
CA GLU B 105 8.05 32.69 6.57
C GLU B 105 8.65 33.30 5.28
N ILE B 106 9.69 32.74 4.65
CA ILE B 106 9.97 33.34 3.29
C ILE B 106 9.28 32.68 2.15
N ALA B 107 9.01 31.40 2.21
CA ALA B 107 8.37 30.80 1.05
C ALA B 107 7.79 29.48 1.47
N PRO B 108 6.78 28.99 0.70
CA PRO B 108 6.25 27.65 0.85
C PRO B 108 7.39 26.60 0.91
N THR B 109 7.27 25.66 1.83
CA THR B 109 8.39 24.82 2.19
C THR B 109 7.93 23.36 2.19
N LEU B 110 8.47 22.60 1.25
CA LEU B 110 8.11 21.21 1.01
C LEU B 110 9.11 20.27 1.70
N PHE B 111 8.57 19.32 2.46
CA PHE B 111 9.37 18.37 3.17
C PHE B 111 9.36 17.05 2.42
N VAL B 112 10.56 16.56 2.11
CA VAL B 112 10.74 15.39 1.27
C VAL B 112 11.60 14.34 1.98
N GLY B 113 11.22 14.09 3.21
CA GLY B 113 11.84 13.07 4.02
C GLY B 113 11.65 11.67 3.44
N LEU B 114 12.64 10.84 3.71
CA LEU B 114 12.57 9.43 3.37
C LEU B 114 12.10 8.73 4.60
N ASP B 115 11.15 7.83 4.46
CA ASP B 115 10.64 7.07 5.57
C ASP B 115 11.49 5.81 5.70
N ASN B 116 12.33 5.78 6.71
CA ASN B 116 13.18 4.63 7.04
C ASN B 116 12.42 3.30 7.08
N ALA B 117 11.15 3.32 7.48
CA ALA B 117 10.36 2.09 7.58
C ALA B 117 9.69 1.71 6.27
N ASN B 118 9.67 2.62 5.29
CA ASN B 118 9.04 2.37 3.99
C ASN B 118 9.81 3.09 2.89
N PHE B 119 11.02 2.61 2.61
CA PHE B 119 11.96 3.42 1.87
C PHE B 119 11.45 3.62 0.47
N LEU B 120 11.12 2.52 -0.18
CA LEU B 120 10.71 2.58 -1.56
C LEU B 120 9.47 3.42 -1.81
N SER B 121 8.45 3.27 -0.98
CA SER B 121 7.20 4.01 -1.23
C SER B 121 7.40 5.51 -0.99
N SER B 122 8.17 5.89 0.03
CA SER B 122 8.46 7.30 0.26
C SER B 122 9.29 7.86 -0.89
N PHE B 123 10.30 7.10 -1.34
CA PHE B 123 11.12 7.49 -2.49
C PHE B 123 10.23 7.80 -3.67
N GLU B 124 9.32 6.87 -3.98
CA GLU B 124 8.41 7.05 -5.09
C GLU B 124 7.49 8.26 -4.90
N ASN B 125 6.91 8.37 -3.71
CA ASN B 125 6.06 9.48 -3.36
C ASN B 125 6.82 10.83 -3.45
N ASN B 126 8.06 10.89 -2.93
CA ASN B 126 8.85 12.11 -2.99
C ASN B 126 9.08 12.49 -4.45
N VAL B 127 9.53 11.54 -5.25
CA VAL B 127 9.83 11.78 -6.66
C VAL B 127 8.58 12.17 -7.45
N LEU B 128 7.49 11.45 -7.23
CA LEU B 128 6.29 11.69 -8.02
C LEU B 128 5.61 13.03 -7.68
N SER B 129 5.67 13.42 -6.41
CA SER B 129 5.11 14.69 -5.95
C SER B 129 5.86 15.88 -6.57
N VAL B 130 7.20 15.84 -6.56
CA VAL B 130 8.00 16.83 -7.25
C VAL B 130 7.68 16.84 -8.74
N ALA B 131 7.58 15.65 -9.36
CA ALA B 131 7.29 15.59 -10.78
C ALA B 131 5.90 16.13 -11.08
N LYS B 132 4.94 15.92 -10.19
CA LYS B 132 3.56 16.37 -10.53
C LYS B 132 3.43 17.93 -10.44
N LEU B 133 4.24 18.59 -9.62
CA LEU B 133 4.38 20.07 -9.72
C LEU B 133 4.72 20.58 -11.15
N TYR B 134 5.39 19.75 -11.94
CA TYR B 134 5.80 20.10 -13.32
C TYR B 134 5.09 19.29 -14.43
N GLY B 135 4.10 18.46 -14.08
CA GLY B 135 3.38 17.64 -15.09
C GLY B 135 4.27 16.60 -15.75
N LEU B 136 5.18 16.02 -14.97
CA LEU B 136 6.21 15.08 -15.47
C LEU B 136 6.08 13.69 -14.88
N GLU B 137 4.88 13.37 -14.40
CA GLU B 137 4.58 12.07 -13.84
C GLU B 137 5.01 10.88 -14.75
N LYS B 138 4.77 10.98 -16.05
CA LYS B 138 5.10 9.85 -16.95
C LYS B 138 6.60 9.56 -16.95
N GLU B 139 7.38 10.64 -17.09
CA GLU B 139 8.83 10.52 -17.19
C GLU B 139 9.38 9.93 -15.91
N ALA B 140 8.87 10.42 -14.78
CA ALA B 140 9.28 9.96 -13.48
C ALA B 140 8.96 8.47 -13.29
N LEU B 141 7.77 8.03 -13.70
CA LEU B 141 7.42 6.61 -13.57
C LEU B 141 8.31 5.69 -14.37
N GLU B 142 8.72 6.10 -15.57
CA GLU B 142 9.62 5.24 -16.37
C GLU B 142 10.98 5.09 -15.66
N LYS B 143 11.50 6.17 -15.09
CA LYS B 143 12.76 6.11 -14.34
C LYS B 143 12.63 5.28 -13.03
N ILE B 144 11.48 5.39 -12.36
CA ILE B 144 11.25 4.63 -11.14
C ILE B 144 11.27 3.12 -11.44
N SER B 145 10.65 2.77 -12.56
CA SER B 145 10.63 1.37 -13.01
C SER B 145 12.02 0.74 -13.22
N ASP B 146 12.94 1.44 -13.88
CA ASP B 146 14.28 0.82 -14.07
C ASP B 146 14.97 0.61 -12.71
N ILE B 147 14.72 1.50 -11.74
CA ILE B 147 15.27 1.31 -10.38
C ILE B 147 14.82 -0.01 -9.77
N LYS B 148 13.53 -0.30 -9.90
CA LYS B 148 12.99 -1.53 -9.31
C LYS B 148 13.63 -2.79 -9.88
N ASN B 149 13.89 -2.76 -11.16
CA ASN B 149 14.52 -3.86 -11.80
C ASN B 149 16.00 -4.02 -11.39
N GLU B 150 16.68 -2.89 -11.20
CA GLU B 150 18.05 -2.94 -10.60
C GLU B 150 18.05 -3.52 -9.22
N ILE B 151 17.02 -3.19 -8.45
CA ILE B 151 16.86 -3.74 -7.11
C ILE B 151 16.73 -5.26 -7.15
N GLU B 152 15.93 -5.78 -8.08
CA GLU B 152 15.71 -7.25 -8.21
C GLU B 152 16.94 -8.00 -8.68
N LYS B 153 17.67 -7.39 -9.61
CA LYS B 153 19.01 -7.97 -9.97
C LYS B 153 19.98 -8.02 -8.80
N ALA B 154 19.98 -7.03 -7.92
CA ALA B 154 20.95 -6.97 -6.81
C ALA B 154 20.65 -7.97 -5.75
N LYS B 155 19.36 -8.07 -5.43
CA LYS B 155 18.87 -9.05 -4.46
C LYS B 155 19.18 -10.49 -4.81
N SER B 156 19.14 -10.80 -6.10
CA SER B 156 19.30 -12.23 -6.52
C SER B 156 20.72 -12.73 -6.33
N ILE B 157 21.66 -11.81 -6.04
CA ILE B 157 23.10 -12.08 -5.99
C ILE B 157 23.51 -12.26 -4.54
N VAL B 158 22.59 -11.98 -3.63
CA VAL B 158 22.95 -11.96 -2.22
C VAL B 158 23.08 -13.38 -1.65
N ASP B 159 24.09 -13.60 -0.83
CA ASP B 159 24.31 -14.89 -0.20
C ASP B 159 23.53 -14.91 1.08
N GLU B 160 22.48 -15.74 1.11
CA GLU B 160 21.54 -15.70 2.20
C GLU B 160 22.02 -16.23 3.54
N ASP B 161 23.21 -16.85 3.60
CA ASP B 161 23.81 -17.28 4.85
C ASP B 161 24.59 -16.13 5.56
N LYS B 162 25.16 -15.21 4.79
CA LYS B 162 26.10 -14.22 5.34
C LYS B 162 25.38 -13.00 5.94
N LYS B 163 26.05 -12.32 6.85
CA LYS B 163 25.45 -11.24 7.62
C LYS B 163 26.33 -10.01 7.65
N ALA B 164 25.67 -8.85 7.68
CA ALA B 164 26.32 -7.56 7.65
C ALA B 164 26.04 -6.69 8.86
N LEU B 165 27.04 -5.89 9.25
CA LEU B 165 26.84 -4.79 10.15
C LEU B 165 27.09 -3.47 9.38
N ILE B 166 26.26 -2.47 9.66
CA ILE B 166 26.43 -1.10 9.16
C ILE B 166 26.94 -0.19 10.25
N ILE B 167 28.05 0.53 10.02
CA ILE B 167 28.60 1.50 10.99
C ILE B 167 28.89 2.87 10.40
N LEU B 168 28.78 3.87 11.26
CA LEU B 168 29.11 5.24 10.96
C LEU B 168 30.31 5.62 11.83
N THR B 169 31.30 6.32 11.25
CA THR B 169 32.46 6.73 12.01
C THR B 169 32.51 8.22 11.97
N ASN B 170 32.85 8.75 13.13
CA ASN B 170 32.82 10.19 13.41
C ASN B 170 33.87 10.49 14.47
N SER B 171 34.75 11.41 14.10
CA SER B 171 35.98 11.63 14.79
C SER B 171 36.55 10.25 15.15
N ASN B 172 36.82 9.93 16.41
CA ASN B 172 37.16 8.57 16.84
C ASN B 172 36.02 7.62 17.29
N LYS B 173 34.77 8.02 17.15
CA LYS B 173 33.67 7.18 17.63
C LYS B 173 33.03 6.31 16.52
N ILE B 174 32.54 5.13 16.90
CA ILE B 174 31.82 4.23 16.04
C ILE B 174 30.33 4.04 16.49
N SER B 175 29.38 4.10 15.56
CA SER B 175 28.01 3.72 15.88
C SER B 175 27.39 2.83 14.80
N ALA B 176 26.34 2.10 15.20
CA ALA B 176 25.79 1.02 14.45
C ALA B 176 24.39 1.28 14.04
N PHE B 177 23.98 0.72 12.91
CA PHE B 177 22.70 1.01 12.32
C PHE B 177 22.23 -0.29 11.76
N GLY B 178 20.90 -0.53 11.80
CA GLY B 178 20.32 -1.79 11.41
C GLY B 178 19.15 -1.59 10.49
N PRO B 179 18.32 -2.62 10.34
CA PRO B 179 17.07 -2.53 9.59
C PRO B 179 16.24 -1.31 10.01
N GLN B 180 15.57 -0.69 9.06
CA GLN B 180 14.69 0.44 9.31
C GLN B 180 15.42 1.71 9.80
N SER B 181 16.75 1.79 9.66
CA SER B 181 17.48 3.02 10.01
C SER B 181 17.69 3.86 8.72
N ARG B 182 18.44 4.93 8.84
CA ARG B 182 18.76 5.79 7.68
C ARG B 182 19.57 5.01 6.57
N PHE B 183 20.18 3.88 6.94
CA PHE B 183 20.97 3.12 6.00
C PHE B 183 20.28 1.78 5.72
N GLY B 184 19.00 1.64 6.15
CA GLY B 184 18.41 0.29 6.26
C GLY B 184 18.11 -0.36 4.94
N ILE B 185 18.17 0.44 3.88
CA ILE B 185 18.01 -0.08 2.55
C ILE B 185 18.90 -1.31 2.24
N ILE B 186 20.11 -1.34 2.78
CA ILE B 186 20.99 -2.52 2.64
C ILE B 186 20.30 -3.83 3.07
N HIS B 187 19.61 -3.77 4.22
CA HIS B 187 18.94 -4.94 4.76
C HIS B 187 17.51 -5.02 4.23
N ASP B 188 16.80 -3.89 4.22
CA ASP B 188 15.32 -3.89 4.04
C ASP B 188 14.94 -4.01 2.60
N VAL B 189 15.75 -3.43 1.70
CA VAL B 189 15.41 -3.46 0.28
C VAL B 189 16.30 -4.39 -0.52
N LEU B 190 17.59 -4.47 -0.20
CA LEU B 190 18.50 -5.29 -1.00
C LEU B 190 18.68 -6.68 -0.45
N GLY B 191 17.94 -7.03 0.58
CA GLY B 191 17.98 -8.37 1.13
C GLY B 191 19.21 -8.88 1.89
N ILE B 192 20.16 -8.03 2.24
CA ILE B 192 21.32 -8.52 2.99
C ILE B 192 20.92 -8.70 4.44
N ASN B 193 21.15 -9.91 5.00
CA ASN B 193 20.87 -10.16 6.42
C ASN B 193 21.71 -9.30 7.36
N ALA B 194 21.11 -8.95 8.50
CA ALA B 194 21.78 -8.26 9.57
C ALA B 194 22.41 -9.15 10.64
N VAL B 195 23.58 -8.77 11.14
CA VAL B 195 24.17 -9.47 12.28
C VAL B 195 23.30 -9.29 13.51
N ASP B 196 22.62 -8.15 13.62
CA ASP B 196 21.82 -7.84 14.82
C ASP B 196 20.55 -7.13 14.46
N GLU B 197 19.44 -7.84 14.68
CA GLU B 197 18.10 -7.32 14.41
C GLU B 197 17.60 -6.35 15.48
N ASN B 198 18.30 -6.26 16.61
CA ASN B 198 17.93 -5.38 17.73
C ASN B 198 18.80 -4.11 17.84
N ILE B 199 19.10 -3.47 16.73
CA ILE B 199 19.69 -2.18 16.83
C ILE B 199 18.65 -1.05 16.82
N LYS B 200 18.54 -0.33 17.95
CA LYS B 200 17.66 0.84 18.06
C LYS B 200 18.05 1.94 17.05
N VAL B 201 17.07 2.30 16.24
CA VAL B 201 17.31 3.28 15.20
C VAL B 201 17.30 4.67 15.81
N GLY B 202 18.21 5.47 15.32
CA GLY B 202 18.43 6.83 15.81
C GLY B 202 19.31 7.52 14.76
N THR B 203 19.35 8.83 14.82
CA THR B 203 19.82 9.60 13.71
C THR B 203 21.28 9.34 13.46
N HIS B 204 22.08 9.33 14.54
CA HIS B 204 23.53 9.07 14.45
C HIS B 204 23.91 7.75 15.16
N GLY B 205 22.92 6.92 15.49
CA GLY B 205 23.10 5.46 15.65
C GLY B 205 23.32 5.02 17.07
N LYS B 206 23.46 3.71 17.28
CA LYS B 206 23.89 3.15 18.58
C LYS B 206 25.37 3.16 18.79
N SER B 207 25.80 3.66 19.94
CA SER B 207 27.20 3.74 20.29
C SER B 207 27.81 2.35 20.56
N ILE B 208 28.91 2.07 19.87
CA ILE B 208 29.55 0.75 20.00
C ILE B 208 31.07 0.93 19.98
N ASN B 209 31.81 -0.15 20.18
CA ASN B 209 33.27 -0.14 20.09
C ASN B 209 33.69 -1.37 19.31
N SER B 210 34.99 -1.56 19.20
CA SER B 210 35.47 -2.68 18.39
C SER B 210 35.20 -4.06 19.01
N GLU B 211 35.10 -4.14 20.34
CA GLU B 211 34.80 -5.41 21.00
C GLU B 211 33.44 -5.91 20.48
N PHE B 212 32.49 -5.00 20.35
CA PHE B 212 31.16 -5.28 19.85
C PHE B 212 31.22 -5.84 18.38
N ILE B 213 32.02 -5.21 17.54
CA ILE B 213 32.17 -5.63 16.15
C ILE B 213 32.73 -7.05 16.14
N LEU B 214 33.76 -7.31 16.95
CA LEU B 214 34.31 -8.66 16.99
C LEU B 214 33.31 -9.69 17.51
N GLU B 215 32.60 -9.37 18.59
CA GLU B 215 31.56 -10.28 19.15
C GLU B 215 30.50 -10.63 18.11
N LYS B 216 30.06 -9.66 17.31
CA LYS B 216 29.12 -10.00 16.23
C LYS B 216 29.80 -10.74 15.08
N ASN B 217 31.07 -10.44 14.82
CA ASN B 217 31.83 -11.12 13.74
C ASN B 217 31.06 -11.20 12.42
N PRO B 218 30.72 -10.04 11.88
CA PRO B 218 30.00 -9.99 10.62
C PRO B 218 30.85 -10.50 9.42
N ASP B 219 30.17 -11.00 8.41
CA ASP B 219 30.85 -11.36 7.16
C ASP B 219 31.17 -10.10 6.31
N TYR B 220 30.33 -9.06 6.43
CA TYR B 220 30.52 -7.78 5.74
C TYR B 220 30.35 -6.69 6.75
N ILE B 221 31.19 -5.67 6.69
CA ILE B 221 30.97 -4.44 7.42
C ILE B 221 30.85 -3.28 6.43
N PHE B 222 29.70 -2.61 6.41
CA PHE B 222 29.45 -1.46 5.53
C PHE B 222 29.73 -0.17 6.32
N VAL B 223 30.69 0.65 5.86
CA VAL B 223 31.19 1.77 6.67
C VAL B 223 30.80 3.07 6.01
N VAL B 224 30.15 3.97 6.76
CA VAL B 224 29.84 5.33 6.27
C VAL B 224 30.69 6.31 7.10
N ASP B 225 31.67 6.96 6.47
CA ASP B 225 32.63 7.76 7.21
C ASP B 225 32.19 9.22 7.18
N ARG B 226 31.56 9.66 8.26
CA ARG B 226 31.09 11.05 8.40
C ARG B 226 32.24 12.09 8.41
N ASN B 227 33.42 11.67 8.86
CA ASN B 227 34.57 12.58 8.89
C ASN B 227 34.82 13.23 7.56
N VAL B 228 34.56 12.49 6.49
CA VAL B 228 34.86 12.98 5.16
C VAL B 228 33.97 14.20 4.87
N ILE B 229 32.73 14.16 5.34
CA ILE B 229 31.75 15.24 5.11
C ILE B 229 32.00 16.47 6.00
N LEU B 230 32.34 16.25 7.26
CA LEU B 230 32.64 17.35 8.17
C LEU B 230 34.07 17.90 8.04
N GLY B 231 34.90 17.29 7.18
CA GLY B 231 36.30 17.69 7.05
C GLY B 231 37.12 17.55 8.31
N ASN B 232 36.87 16.52 9.11
CA ASN B 232 37.82 16.17 10.17
C ASN B 232 39.02 15.46 9.50
N LYS B 233 40.09 15.26 10.25
CA LYS B 233 41.28 14.62 9.69
C LYS B 233 41.20 13.10 9.81
N GLU B 234 40.42 12.57 10.78
CA GLU B 234 40.41 11.12 11.04
C GLU B 234 39.64 10.40 9.94
N ARG B 235 39.95 9.12 9.77
CA ARG B 235 39.37 8.32 8.73
C ARG B 235 39.07 6.97 9.32
N ALA B 236 37.95 6.42 8.88
CA ALA B 236 37.50 5.12 9.37
C ALA B 236 38.57 4.08 9.27
N GLN B 237 39.38 4.15 8.21
CA GLN B 237 40.38 3.09 8.02
C GLN B 237 41.31 3.09 9.23
N GLY B 238 41.56 4.27 9.79
CA GLY B 238 42.47 4.39 10.98
C GLY B 238 41.81 3.81 12.24
N ILE B 239 40.60 4.24 12.51
CA ILE B 239 39.79 3.70 13.64
C ILE B 239 39.67 2.17 13.62
N LEU B 240 39.44 1.59 12.45
CA LEU B 240 39.24 0.17 12.36
C LEU B 240 40.55 -0.64 12.28
N ASP B 241 41.70 0.04 12.30
CA ASP B 241 42.99 -0.65 12.21
C ASP B 241 43.39 -1.06 13.63
N ASN B 242 42.78 -2.12 14.12
CA ASN B 242 43.10 -2.64 15.45
C ASN B 242 42.90 -4.15 15.46
N ALA B 243 43.37 -4.78 16.51
CA ALA B 243 43.44 -6.23 16.58
C ALA B 243 42.11 -6.90 16.70
N LEU B 244 41.11 -6.24 17.28
CA LEU B 244 39.77 -6.83 17.43
C LEU B 244 39.06 -6.93 16.08
N VAL B 245 39.09 -5.83 15.32
CA VAL B 245 38.47 -5.82 13.99
C VAL B 245 39.22 -6.76 13.04
N ALA B 246 40.55 -6.68 13.07
CA ALA B 246 41.40 -7.53 12.24
C ALA B 246 41.06 -9.04 12.32
N LYS B 247 40.63 -9.52 13.49
CA LYS B 247 40.22 -10.91 13.65
C LYS B 247 38.91 -11.29 12.97
N THR B 248 38.10 -10.31 12.61
CA THR B 248 36.77 -10.62 12.06
C THR B 248 36.75 -11.27 10.67
N LYS B 249 35.70 -12.01 10.35
CA LYS B 249 35.55 -12.55 8.99
C LYS B 249 35.59 -11.46 7.92
N ALA B 250 34.87 -10.35 8.17
CA ALA B 250 34.86 -9.21 7.24
C ALA B 250 36.27 -8.68 6.94
N ALA B 251 37.11 -8.48 7.95
CA ALA B 251 38.44 -7.98 7.74
C ALA B 251 39.29 -8.99 7.00
N GLN B 252 39.15 -10.24 7.36
CA GLN B 252 40.03 -11.28 6.76
C GLN B 252 39.71 -11.50 5.31
N ASN B 253 38.44 -11.31 4.93
CA ASN B 253 38.00 -11.52 3.57
C ASN B 253 37.95 -10.24 2.77
N LYS B 254 38.48 -9.17 3.33
CA LYS B 254 38.42 -7.86 2.71
C LYS B 254 37.02 -7.51 2.26
N LYS B 255 36.07 -7.62 3.21
CA LYS B 255 34.72 -7.19 3.00
C LYS B 255 34.34 -6.08 3.96
N ILE B 256 35.32 -5.23 4.29
CA ILE B 256 35.04 -3.95 4.94
C ILE B 256 34.88 -2.94 3.84
N ILE B 257 33.66 -2.49 3.64
CA ILE B 257 33.25 -1.78 2.45
C ILE B 257 33.08 -0.32 2.85
N TYR B 258 33.85 0.59 2.23
CA TYR B 258 33.79 2.03 2.55
C TYR B 258 32.85 2.68 1.55
N LEU B 259 31.61 2.85 1.95
CA LEU B 259 30.59 3.40 1.08
C LEU B 259 30.84 4.90 0.98
N ASP B 260 30.54 5.44 -0.20
CA ASP B 260 30.78 6.84 -0.50
C ASP B 260 29.80 7.71 0.32
N PRO B 261 30.31 8.42 1.29
CA PRO B 261 29.45 9.26 2.17
C PRO B 261 28.68 10.37 1.47
N GLU B 262 29.18 10.80 0.33
CA GLU B 262 28.52 11.84 -0.45
C GLU B 262 27.22 11.35 -0.98
N TYR B 263 27.08 10.04 -1.05
CA TYR B 263 25.74 9.42 -1.37
C TYR B 263 25.02 8.99 -0.10
N TRP B 264 25.70 8.25 0.76
CA TRP B 264 24.99 7.60 1.86
C TRP B 264 24.69 8.53 3.04
N TYR B 265 25.62 9.43 3.37
CA TYR B 265 25.46 10.28 4.53
C TYR B 265 24.68 11.48 4.13
N LEU B 266 25.10 12.12 3.03
CA LEU B 266 24.36 13.27 2.52
C LEU B 266 22.98 12.86 2.10
N ALA B 267 22.83 11.58 1.73
CA ALA B 267 21.54 10.90 1.65
C ALA B 267 20.79 11.32 0.45
N SER B 268 21.35 10.97 -0.69
CA SER B 268 20.78 11.39 -1.93
C SER B 268 19.87 10.32 -2.47
N GLY B 269 19.17 9.63 -1.55
CA GLY B 269 18.33 8.52 -1.87
C GLY B 269 17.17 8.90 -2.71
N ASN B 270 16.79 10.18 -2.65
CA ASN B 270 15.69 10.74 -3.47
C ASN B 270 16.03 10.93 -4.94
N GLY B 271 17.27 10.65 -5.31
CA GLY B 271 17.74 10.88 -6.66
C GLY B 271 17.52 9.73 -7.59
N LEU B 272 16.91 10.02 -8.71
CA LEU B 272 16.67 8.98 -9.70
C LEU B 272 17.94 8.34 -10.30
N GLU B 273 19.04 9.08 -10.34
CA GLU B 273 20.28 8.51 -10.81
C GLU B 273 21.16 8.12 -9.62
N SER B 274 21.18 8.93 -8.59
CA SER B 274 22.02 8.65 -7.47
C SER B 274 21.59 7.40 -6.71
N LEU B 275 20.29 7.13 -6.59
CA LEU B 275 19.86 5.89 -5.92
C LEU B 275 20.32 4.64 -6.68
N LYS B 276 20.23 4.69 -8.00
CA LYS B 276 20.75 3.63 -8.80
C LYS B 276 22.22 3.36 -8.58
N THR B 277 23.03 4.40 -8.47
CA THR B 277 24.45 4.27 -8.20
C THR B 277 24.70 3.58 -6.87
N MET B 278 23.92 3.96 -5.85
CA MET B 278 24.01 3.33 -4.53
C MET B 278 23.67 1.85 -4.58
N ILE B 279 22.64 1.48 -5.31
CA ILE B 279 22.26 0.07 -5.45
C ILE B 279 23.40 -0.73 -6.07
N LEU B 280 23.98 -0.20 -7.14
CA LEU B 280 25.11 -0.84 -7.81
C LEU B 280 26.33 -0.93 -6.93
N GLU B 281 26.53 0.07 -6.05
CA GLU B 281 27.64 0.06 -5.12
C GLU B 281 27.53 -1.11 -4.15
N ILE B 282 26.31 -1.36 -3.69
CA ILE B 282 26.08 -2.52 -2.79
C ILE B 282 26.30 -3.84 -3.51
N LYS B 283 25.64 -3.96 -4.66
CA LYS B 283 25.71 -5.18 -5.44
C LYS B 283 27.13 -5.57 -5.76
N ASN B 284 27.92 -4.61 -6.24
CA ASN B 284 29.28 -4.86 -6.57
C ASN B 284 30.17 -5.22 -5.38
N ALA B 285 29.81 -4.79 -4.17
CA ALA B 285 30.56 -5.14 -2.96
C ALA B 285 30.32 -6.55 -2.50
N VAL B 286 29.14 -7.11 -2.77
CA VAL B 286 28.85 -8.47 -2.31
C VAL B 286 28.81 -9.58 -3.40
N LYS B 287 28.85 -9.24 -4.70
CA LYS B 287 28.66 -10.24 -5.79
C LYS B 287 29.71 -11.33 -5.74
N LEU C 1 -24.20 16.82 -2.94
CA LEU C 1 -23.66 16.52 -1.61
C LEU C 1 -24.27 15.17 -1.19
N PRO C 2 -25.60 15.04 -1.00
CA PRO C 2 -26.08 13.72 -0.48
C PRO C 2 -26.14 12.57 -1.49
N ILE C 3 -26.03 11.33 -1.01
CA ILE C 3 -25.67 10.20 -1.87
C ILE C 3 -27.06 9.80 -2.36
N SER C 4 -27.18 9.51 -3.65
CA SER C 4 -28.46 9.06 -4.22
C SER C 4 -28.20 7.72 -4.98
N MET C 5 -29.16 6.80 -4.98
CA MET C 5 -28.94 5.43 -5.49
C MET C 5 -30.17 5.02 -6.29
N SER C 6 -29.95 4.51 -7.50
CA SER C 6 -31.01 3.84 -8.26
C SER C 6 -30.66 2.36 -8.43
N ASP C 7 -31.66 1.53 -8.16
CA ASP C 7 -31.54 0.13 -8.30
C ASP C 7 -31.42 -0.26 -9.80
N GLU C 8 -30.49 -1.14 -10.13
CA GLU C 8 -30.40 -1.74 -11.46
C GLU C 8 -30.62 -3.19 -11.05
N GLY C 9 -30.17 -4.22 -11.70
CA GLY C 9 -30.61 -5.56 -11.12
C GLY C 9 -29.81 -6.04 -9.88
N ASP C 10 -28.56 -6.22 -10.21
CA ASP C 10 -27.59 -6.81 -9.37
C ASP C 10 -26.66 -5.70 -8.88
N SER C 11 -27.03 -4.43 -9.05
CA SER C 11 -26.16 -3.34 -8.63
C SER C 11 -26.98 -2.08 -8.44
N PHE C 12 -26.34 -1.04 -7.91
CA PHE C 12 -26.92 0.31 -7.83
C PHE C 12 -26.05 1.27 -8.59
N LEU C 13 -26.69 2.26 -9.19
CA LEU C 13 -25.96 3.37 -9.77
C LEU C 13 -25.98 4.41 -8.67
N VAL C 14 -24.79 4.77 -8.21
CA VAL C 14 -24.66 5.58 -7.01
C VAL C 14 -23.94 6.90 -7.32
N LYS C 15 -24.56 8.00 -6.89
CA LYS C 15 -23.95 9.32 -7.11
C LYS C 15 -23.70 9.95 -5.75
N ASP C 16 -22.52 10.50 -5.60
CA ASP C 16 -22.15 11.20 -4.36
C ASP C 16 -21.37 12.43 -4.79
N SER C 17 -20.84 13.19 -3.86
CA SER C 17 -20.21 14.47 -4.24
C SER C 17 -18.90 14.36 -5.04
N LEU C 18 -18.27 13.18 -5.12
CA LEU C 18 -17.07 13.06 -5.95
C LEU C 18 -17.35 12.50 -7.34
N GLY C 19 -18.46 11.82 -7.53
CA GLY C 19 -18.73 11.24 -8.83
C GLY C 19 -19.76 10.15 -8.82
N GLU C 20 -19.73 9.29 -9.85
CA GLU C 20 -20.74 8.29 -10.10
C GLU C 20 -20.10 6.89 -10.23
N ASN C 21 -20.77 5.87 -9.67
CA ASN C 21 -20.27 4.48 -9.75
C ASN C 21 -21.40 3.52 -9.87
N LYS C 22 -21.16 2.44 -10.62
CA LYS C 22 -21.99 1.25 -10.58
C LYS C 22 -21.41 0.45 -9.43
N ILE C 23 -22.20 0.19 -8.38
CA ILE C 23 -21.75 -0.64 -7.21
C ILE C 23 -22.56 -1.94 -7.09
N PRO C 24 -21.88 -3.10 -7.08
CA PRO C 24 -22.68 -4.36 -6.98
C PRO C 24 -23.35 -4.51 -5.64
N LYS C 25 -24.47 -5.18 -5.63
CA LYS C 25 -25.13 -5.51 -4.41
C LYS C 25 -24.28 -6.48 -3.62
N ASN C 26 -24.36 -6.42 -2.29
CA ASN C 26 -23.65 -7.36 -1.46
C ASN C 26 -22.18 -7.56 -1.83
N PRO C 27 -21.36 -6.47 -1.91
CA PRO C 27 -19.95 -6.60 -2.30
C PRO C 27 -19.24 -7.46 -1.25
N SER C 28 -18.30 -8.29 -1.69
CA SER C 28 -17.62 -9.28 -0.86
C SER C 28 -16.18 -8.97 -0.66
N LYS C 29 -15.67 -7.90 -1.28
CA LYS C 29 -14.25 -7.59 -1.14
C LYS C 29 -14.03 -6.10 -0.96
N VAL C 30 -14.39 -5.60 0.23
CA VAL C 30 -14.50 -4.15 0.41
C VAL C 30 -13.26 -3.62 1.12
N VAL C 31 -12.62 -2.62 0.52
CA VAL C 31 -11.52 -1.97 1.16
C VAL C 31 -12.14 -0.73 1.80
N ILE C 32 -11.93 -0.53 3.11
CA ILE C 32 -12.45 0.64 3.82
C ILE C 32 -11.35 1.53 4.40
N LEU C 33 -11.34 2.78 3.99
CA LEU C 33 -10.38 3.75 4.51
C LEU C 33 -10.99 4.78 5.49
N ASP C 34 -12.30 4.76 5.66
CA ASP C 34 -12.92 5.56 6.65
C ASP C 34 -13.15 4.75 7.89
N LEU C 35 -12.55 5.16 8.99
CA LEU C 35 -12.69 4.43 10.21
C LEU C 35 -14.10 4.39 10.76
N GLY C 36 -14.87 5.46 10.61
CA GLY C 36 -16.23 5.43 11.09
C GLY C 36 -17.08 4.38 10.35
N ILE C 37 -16.95 4.36 9.03
CA ILE C 37 -17.81 3.46 8.23
C ILE C 37 -17.36 1.97 8.51
N LEU C 38 -16.10 1.78 8.85
CA LEU C 38 -15.57 0.44 9.32
C LEU C 38 -16.28 -0.02 10.58
N ASP C 39 -16.49 0.90 11.51
CA ASP C 39 -17.23 0.62 12.70
C ASP C 39 -18.65 0.26 12.38
N THR C 40 -19.22 1.00 11.44
CA THR C 40 -20.56 0.72 11.01
C THR C 40 -20.66 -0.68 10.36
N PHE C 41 -19.68 -1.10 9.55
CA PHE C 41 -19.64 -2.49 9.09
C PHE C 41 -19.68 -3.50 10.26
N ASP C 42 -18.92 -3.23 11.31
CA ASP C 42 -18.98 -4.09 12.51
C ASP C 42 -20.37 -4.10 13.07
N ALA C 43 -20.96 -2.93 13.25
CA ALA C 43 -22.28 -2.82 13.85
C ALA C 43 -23.37 -3.53 13.03
N LEU C 44 -23.20 -3.56 11.71
CA LEU C 44 -24.15 -4.25 10.83
C LEU C 44 -23.83 -5.72 10.60
N LYS C 45 -22.75 -6.21 11.21
CA LYS C 45 -22.33 -7.63 11.15
C LYS C 45 -21.79 -8.04 9.79
N LEU C 46 -21.05 -7.13 9.16
CA LEU C 46 -20.54 -7.27 7.79
C LEU C 46 -19.06 -7.40 7.82
N ASN C 47 -18.52 -7.82 8.97
CA ASN C 47 -17.08 -7.96 9.09
C ASN C 47 -16.44 -8.85 8.02
N ASP C 48 -17.15 -9.90 7.64
CA ASP C 48 -16.57 -10.84 6.65
C ASP C 48 -16.55 -10.29 5.18
N LYS C 49 -17.12 -9.10 4.97
CA LYS C 49 -17.13 -8.46 3.65
C LYS C 49 -15.88 -7.61 3.45
N VAL C 50 -15.20 -7.29 4.55
CA VAL C 50 -14.07 -6.41 4.55
C VAL C 50 -12.83 -7.19 4.25
N VAL C 51 -12.09 -6.77 3.23
CA VAL C 51 -10.82 -7.36 2.88
C VAL C 51 -9.61 -6.47 3.02
N GLY C 52 -9.78 -5.20 3.38
CA GLY C 52 -8.64 -4.32 3.64
C GLY C 52 -9.01 -3.15 4.54
N VAL C 53 -8.12 -2.84 5.50
CA VAL C 53 -8.27 -1.72 6.44
C VAL C 53 -6.93 -1.00 6.64
N PRO C 54 -6.97 0.28 7.05
CA PRO C 54 -5.71 1.00 7.26
C PRO C 54 -5.19 0.62 8.63
N ALA C 55 -4.43 -0.47 8.66
CA ALA C 55 -3.95 -1.03 9.92
C ALA C 55 -2.95 -0.09 10.63
N LYS C 56 -2.24 0.76 9.89
CA LYS C 56 -1.37 1.75 10.52
C LYS C 56 -2.07 2.73 11.46
N ASN C 57 -3.34 3.02 11.18
CA ASN C 57 -4.11 3.94 12.02
C ASN C 57 -5.32 3.24 12.59
N LEU C 58 -5.15 2.00 13.06
CA LEU C 58 -6.30 1.24 13.56
C LEU C 58 -6.41 1.49 15.06
N PRO C 59 -7.43 2.24 15.44
CA PRO C 59 -7.48 2.59 16.81
C PRO C 59 -7.86 1.41 17.71
N LYS C 60 -7.84 1.65 19.01
CA LYS C 60 -8.12 0.60 20.00
C LYS C 60 -9.51 -0.02 19.94
N TYR C 61 -10.50 0.77 19.51
CA TYR C 61 -11.87 0.27 19.48
C TYR C 61 -12.22 -0.53 18.17
N LEU C 62 -11.25 -0.71 17.29
CA LEU C 62 -11.46 -1.42 16.06
C LEU C 62 -10.51 -2.62 15.95
N GLN C 63 -10.07 -3.13 17.10
CA GLN C 63 -9.02 -4.15 17.05
C GLN C 63 -9.51 -5.50 16.55
N GLN C 64 -10.82 -5.72 16.56
CA GLN C 64 -11.37 -6.90 15.89
C GLN C 64 -11.02 -6.97 14.38
N PHE C 65 -10.42 -5.93 13.78
CA PHE C 65 -10.04 -5.91 12.38
C PHE C 65 -8.53 -5.98 12.22
N LYS C 66 -7.82 -6.31 13.32
CA LYS C 66 -6.35 -6.22 13.30
C LYS C 66 -5.70 -7.31 12.46
N ASN C 67 -6.43 -8.39 12.21
CA ASN C 67 -5.97 -9.48 11.34
C ASN C 67 -6.37 -9.37 9.87
N LYS C 68 -7.08 -8.29 9.46
CA LYS C 68 -7.44 -8.04 8.04
C LYS C 68 -6.22 -7.56 7.33
N PRO C 69 -6.09 -7.79 5.99
CA PRO C 69 -4.98 -7.22 5.25
C PRO C 69 -4.87 -5.73 5.39
N SER C 70 -3.65 -5.21 5.51
CA SER C 70 -3.47 -3.74 5.61
C SER C 70 -3.40 -3.06 4.27
N VAL C 71 -4.02 -1.88 4.18
CA VAL C 71 -3.81 -1.00 3.03
C VAL C 71 -3.17 0.34 3.48
N GLY C 72 -2.47 0.31 4.62
CA GLY C 72 -1.59 1.42 5.00
C GLY C 72 -2.18 2.28 6.10
N GLY C 73 -2.22 3.60 5.87
CA GLY C 73 -2.86 4.55 6.80
C GLY C 73 -3.90 5.43 6.11
N VAL C 74 -4.65 6.22 6.87
CA VAL C 74 -5.71 7.10 6.31
C VAL C 74 -5.18 8.25 5.42
N GLN C 75 -3.95 8.70 5.72
CA GLN C 75 -3.21 9.62 4.86
C GLN C 75 -2.14 8.87 4.04
N GLN C 76 -1.45 7.89 4.66
CA GLN C 76 -0.51 6.98 3.96
C GLN C 76 -1.24 5.75 3.34
N VAL C 77 -1.87 5.99 2.19
CA VAL C 77 -2.59 4.93 1.47
C VAL C 77 -1.62 4.08 0.62
N ASP C 78 -1.70 2.76 0.74
CA ASP C 78 -0.83 1.85 -0.01
C ASP C 78 -1.56 1.32 -1.25
N PHE C 79 -1.40 2.00 -2.38
CA PHE C 79 -2.12 1.68 -3.62
C PHE C 79 -1.80 0.31 -4.23
N GLU C 80 -0.56 -0.11 -4.12
CA GLU C 80 -0.16 -1.43 -4.62
C GLU C 80 -0.90 -2.52 -3.81
N ALA C 81 -0.99 -2.34 -2.51
CA ALA C 81 -1.68 -3.29 -1.64
C ALA C 81 -3.16 -3.35 -1.99
N ILE C 82 -3.76 -2.19 -2.26
CA ILE C 82 -5.19 -2.12 -2.61
C ILE C 82 -5.38 -2.88 -3.88
N ASN C 83 -4.57 -2.54 -4.87
CA ASN C 83 -4.63 -3.21 -6.15
C ASN C 83 -4.48 -4.73 -6.06
N ALA C 84 -3.53 -5.20 -5.25
CA ALA C 84 -3.27 -6.62 -5.10
C ALA C 84 -4.43 -7.38 -4.47
N LEU C 85 -5.21 -6.72 -3.61
CA LEU C 85 -6.41 -7.31 -3.12
C LEU C 85 -7.52 -7.51 -4.13
N LYS C 86 -7.50 -6.77 -5.24
CA LYS C 86 -8.59 -6.82 -6.24
C LYS C 86 -10.00 -6.64 -5.64
N PRO C 87 -10.23 -5.48 -5.00
CA PRO C 87 -11.47 -5.27 -4.28
C PRO C 87 -12.58 -4.99 -5.24
N ASP C 88 -13.81 -5.24 -4.83
CA ASP C 88 -14.98 -4.84 -5.63
C ASP C 88 -15.59 -3.50 -5.21
N LEU C 89 -15.09 -2.92 -4.10
CA LEU C 89 -15.59 -1.63 -3.61
C LEU C 89 -14.55 -1.05 -2.70
N ILE C 90 -14.33 0.26 -2.85
CA ILE C 90 -13.48 0.99 -1.98
C ILE C 90 -14.31 2.14 -1.36
N ILE C 91 -14.19 2.36 -0.05
CA ILE C 91 -15.00 3.36 0.64
C ILE C 91 -14.08 4.35 1.32
N ILE C 92 -14.26 5.63 0.99
CA ILE C 92 -13.41 6.68 1.47
C ILE C 92 -14.20 7.88 2.07
N SER C 93 -13.47 8.74 2.74
CA SER C 93 -14.02 9.95 3.33
C SER C 93 -13.15 11.08 2.83
N GLY C 94 -13.34 12.30 3.38
CA GLY C 94 -12.55 13.49 2.89
C GLY C 94 -11.03 13.39 2.83
N ARG C 95 -10.41 12.66 3.75
CA ARG C 95 -8.94 12.48 3.69
C ARG C 95 -8.41 11.89 2.39
N GLN C 96 -9.23 11.10 1.68
CA GLN C 96 -8.72 10.41 0.51
C GLN C 96 -9.26 10.99 -0.76
N SER C 97 -10.04 12.07 -0.67
CA SER C 97 -10.64 12.67 -1.85
C SER C 97 -9.61 13.03 -2.90
N LYS C 98 -8.46 13.48 -2.46
CA LYS C 98 -7.36 13.81 -3.37
C LYS C 98 -6.79 12.61 -4.14
N PHE C 99 -7.07 11.39 -3.64
CA PHE C 99 -6.66 10.15 -4.31
C PHE C 99 -7.78 9.49 -5.10
N TYR C 100 -8.92 10.16 -5.24
CA TYR C 100 -10.10 9.54 -5.83
C TYR C 100 -9.90 8.87 -7.19
N ASP C 101 -9.38 9.63 -8.17
CA ASP C 101 -9.27 9.11 -9.55
C ASP C 101 -8.39 7.87 -9.59
N LYS C 102 -7.31 7.89 -8.84
CA LYS C 102 -6.38 6.78 -8.72
C LYS C 102 -7.10 5.58 -8.12
N LEU C 103 -7.91 5.80 -7.07
CA LEU C 103 -8.65 4.70 -6.44
C LEU C 103 -9.68 4.15 -7.40
N LYS C 104 -10.36 5.04 -8.13
CA LYS C 104 -11.46 4.64 -8.99
C LYS C 104 -10.97 3.84 -10.19
N GLU C 105 -9.69 3.90 -10.52
CA GLU C 105 -9.12 3.00 -11.55
C GLU C 105 -9.02 1.58 -11.06
N ILE C 106 -8.93 1.37 -9.75
CA ILE C 106 -8.90 0.03 -9.20
C ILE C 106 -10.29 -0.54 -9.05
N ALA C 107 -11.20 0.26 -8.50
CA ALA C 107 -12.50 -0.25 -8.23
C ALA C 107 -13.44 0.89 -7.96
N PRO C 108 -14.75 0.65 -8.10
CA PRO C 108 -15.80 1.62 -7.78
C PRO C 108 -15.54 2.18 -6.33
N THR C 109 -15.74 3.49 -6.19
CA THR C 109 -15.16 4.19 -5.01
C THR C 109 -16.25 5.13 -4.48
N LEU C 110 -16.76 4.77 -3.30
CA LEU C 110 -17.85 5.43 -2.64
C LEU C 110 -17.34 6.43 -1.63
N PHE C 111 -17.88 7.65 -1.71
CA PHE C 111 -17.47 8.73 -0.83
C PHE C 111 -18.51 8.91 0.25
N VAL C 112 -18.07 8.85 1.51
CA VAL C 112 -18.98 8.96 2.65
C VAL C 112 -18.50 10.11 3.55
N GLY C 113 -18.37 11.29 2.96
CA GLY C 113 -18.02 12.49 3.68
C GLY C 113 -19.06 12.94 4.65
N LEU C 114 -18.59 13.53 5.73
CA LEU C 114 -19.46 14.17 6.70
C LEU C 114 -19.56 15.66 6.36
N ASP C 115 -20.78 16.15 6.22
CA ASP C 115 -21.01 17.56 5.92
C ASP C 115 -21.04 18.33 7.24
N ASN C 116 -20.02 19.11 7.48
CA ASN C 116 -19.91 19.98 8.67
C ASN C 116 -21.15 20.85 8.94
N ALA C 117 -21.83 21.29 7.89
CA ALA C 117 -23.04 22.10 8.04
C ALA C 117 -24.30 21.30 8.28
N ASN C 118 -24.26 19.98 8.06
CA ASN C 118 -25.44 19.12 8.19
C ASN C 118 -25.01 17.75 8.71
N PHE C 119 -24.55 17.71 9.95
CA PHE C 119 -23.85 16.52 10.42
C PHE C 119 -24.79 15.30 10.45
N LEU C 120 -25.92 15.45 11.13
CA LEU C 120 -26.80 14.33 11.33
C LEU C 120 -27.38 13.76 10.03
N SER C 121 -27.77 14.64 9.13
CA SER C 121 -28.35 14.16 7.90
C SER C 121 -27.32 13.44 6.99
N SER C 122 -26.09 13.95 6.92
CA SER C 122 -25.00 13.25 6.20
C SER C 122 -24.69 11.91 6.86
N PHE C 123 -24.60 11.88 8.18
CA PHE C 123 -24.34 10.63 8.93
C PHE C 123 -25.35 9.59 8.57
N GLU C 124 -26.61 9.99 8.65
CA GLU C 124 -27.71 9.10 8.32
C GLU C 124 -27.65 8.61 6.86
N ASN C 125 -27.47 9.55 5.97
CA ASN C 125 -27.33 9.25 4.53
C ASN C 125 -26.14 8.29 4.24
N ASN C 126 -25.00 8.49 4.93
CA ASN C 126 -23.86 7.59 4.78
C ASN C 126 -24.17 6.18 5.23
N VAL C 127 -24.70 6.06 6.42
CA VAL C 127 -24.98 4.78 7.00
C VAL C 127 -26.05 4.05 6.20
N LEU C 128 -27.09 4.78 5.76
CA LEU C 128 -28.22 4.13 5.08
C LEU C 128 -27.83 3.65 3.69
N SER C 129 -26.97 4.40 3.06
CA SER C 129 -26.55 4.04 1.72
C SER C 129 -25.71 2.79 1.74
N VAL C 130 -24.76 2.70 2.70
CA VAL C 130 -24.01 1.46 2.93
C VAL C 130 -24.93 0.31 3.22
N ALA C 131 -25.87 0.52 4.12
CA ALA C 131 -26.77 -0.54 4.51
C ALA C 131 -27.64 -1.01 3.29
N LYS C 132 -28.00 -0.10 2.42
CA LYS C 132 -28.88 -0.50 1.31
C LYS C 132 -28.15 -1.44 0.34
N LEU C 133 -26.84 -1.26 0.22
CA LEU C 133 -26.02 -2.20 -0.59
C LEU C 133 -26.19 -3.66 -0.14
N TYR C 134 -26.53 -3.85 1.13
CA TYR C 134 -26.71 -5.19 1.73
C TYR C 134 -28.15 -5.55 2.12
N GLY C 135 -29.13 -4.70 1.79
CA GLY C 135 -30.52 -4.95 2.17
C GLY C 135 -30.71 -4.88 3.69
N LEU C 136 -30.00 -3.94 4.35
CA LEU C 136 -30.03 -3.83 5.80
C LEU C 136 -30.57 -2.49 6.28
N GLU C 137 -31.33 -1.80 5.46
CA GLU C 137 -31.92 -0.49 5.85
C GLU C 137 -32.66 -0.53 7.15
N LYS C 138 -33.48 -1.56 7.35
CA LYS C 138 -34.30 -1.64 8.56
C LYS C 138 -33.42 -1.65 9.81
N GLU C 139 -32.36 -2.46 9.74
CA GLU C 139 -31.48 -2.65 10.90
C GLU C 139 -30.74 -1.36 11.19
N ALA C 140 -30.28 -0.72 10.11
CA ALA C 140 -29.58 0.56 10.22
C ALA C 140 -30.48 1.67 10.81
N LEU C 141 -31.74 1.74 10.40
CA LEU C 141 -32.69 2.70 10.97
C LEU C 141 -32.94 2.51 12.46
N GLU C 142 -32.97 1.29 12.94
CA GLU C 142 -33.16 1.04 14.39
C GLU C 142 -31.95 1.54 15.16
N LYS C 143 -30.74 1.31 14.63
CA LYS C 143 -29.51 1.81 15.27
C LYS C 143 -29.34 3.32 15.19
N ILE C 144 -29.86 3.91 14.12
CA ILE C 144 -29.85 5.36 13.99
C ILE C 144 -30.81 5.95 15.07
N SER C 145 -31.97 5.33 15.22
CA SER C 145 -32.90 5.74 16.26
C SER C 145 -32.23 5.72 17.68
N ASP C 146 -31.46 4.68 18.01
CA ASP C 146 -30.74 4.67 19.30
C ASP C 146 -29.82 5.86 19.43
N ILE C 147 -29.12 6.21 18.36
CA ILE C 147 -28.23 7.34 18.40
C ILE C 147 -29.03 8.63 18.70
N LYS C 148 -30.18 8.81 18.07
CA LYS C 148 -31.02 10.00 18.30
C LYS C 148 -31.50 10.12 19.78
N ASN C 149 -31.78 8.99 20.38
CA ASN C 149 -32.11 8.96 21.81
C ASN C 149 -30.91 9.26 22.69
N GLU C 150 -29.72 8.82 22.30
CA GLU C 150 -28.51 9.20 23.06
C GLU C 150 -28.23 10.67 22.98
N ILE C 151 -28.58 11.25 21.83
CA ILE C 151 -28.35 12.65 21.62
C ILE C 151 -29.28 13.41 22.55
N GLU C 152 -30.52 12.95 22.70
CA GLU C 152 -31.49 13.60 23.64
C GLU C 152 -31.05 13.48 25.12
N LYS C 153 -30.50 12.33 25.51
CA LYS C 153 -29.94 12.15 26.87
C LYS C 153 -28.84 13.11 27.17
N ALA C 154 -27.97 13.35 26.18
CA ALA C 154 -26.87 14.28 26.37
C ALA C 154 -27.33 15.72 26.49
N LYS C 155 -28.23 16.11 25.59
CA LYS C 155 -28.74 17.48 25.55
C LYS C 155 -29.47 17.89 26.84
N SER C 156 -30.14 16.94 27.47
CA SER C 156 -30.97 17.26 28.64
C SER C 156 -30.16 17.63 29.86
N ILE C 157 -28.85 17.39 29.81
CA ILE C 157 -27.91 17.60 30.91
C ILE C 157 -27.15 18.90 30.71
N VAL C 158 -27.29 19.53 29.56
CA VAL C 158 -26.43 20.69 29.23
C VAL C 158 -26.86 21.93 30.00
N ASP C 159 -25.88 22.65 30.55
CA ASP C 159 -26.17 23.88 31.30
C ASP C 159 -26.21 25.01 30.32
N GLU C 160 -27.40 25.55 30.15
CA GLU C 160 -27.68 26.49 29.08
C GLU C 160 -27.00 27.83 29.23
N ASP C 161 -26.46 28.14 30.39
CA ASP C 161 -25.68 29.38 30.61
C ASP C 161 -24.20 29.26 30.17
N LYS C 162 -23.60 28.07 30.30
CA LYS C 162 -22.14 27.93 30.14
C LYS C 162 -21.72 27.80 28.66
N LYS C 163 -20.46 28.10 28.37
CA LYS C 163 -19.96 28.18 27.03
C LYS C 163 -18.67 27.41 26.87
N ALA C 164 -18.50 26.87 25.65
CA ALA C 164 -17.29 26.12 25.32
C ALA C 164 -16.50 26.68 24.17
N LEU C 165 -15.20 26.43 24.22
CA LEU C 165 -14.32 26.64 23.08
C LEU C 165 -13.73 25.31 22.66
N ILE C 166 -13.68 25.07 21.33
CA ILE C 166 -13.02 23.87 20.80
C ILE C 166 -11.71 24.24 20.16
N ILE C 167 -10.65 23.55 20.55
CA ILE C 167 -9.35 23.77 19.94
C ILE C 167 -8.68 22.49 19.46
N LEU C 168 -7.85 22.66 18.45
CA LEU C 168 -6.97 21.63 17.95
C LEU C 168 -5.52 22.07 18.22
N THR C 169 -4.66 21.14 18.61
CA THR C 169 -3.26 21.46 18.82
C THR C 169 -2.50 20.63 17.85
N ASN C 170 -1.50 21.28 17.26
CA ASN C 170 -0.59 20.69 16.28
C ASN C 170 0.81 21.35 16.37
N SER C 171 1.81 20.50 16.48
CA SER C 171 3.08 20.89 17.02
C SER C 171 2.77 21.84 18.20
N ASN C 172 3.35 23.05 18.25
CA ASN C 172 2.99 24.03 19.29
C ASN C 172 1.91 25.05 18.87
N LYS C 173 1.23 24.84 17.74
CA LYS C 173 0.18 25.78 17.31
C LYS C 173 -1.22 25.37 17.82
N ILE C 174 -2.02 26.39 18.14
CA ILE C 174 -3.38 26.23 18.59
C ILE C 174 -4.30 26.81 17.55
N SER C 175 -5.34 26.08 17.20
CA SER C 175 -6.39 26.66 16.38
C SER C 175 -7.76 26.35 16.92
N ALA C 176 -8.69 27.25 16.60
CA ALA C 176 -10.02 27.23 17.17
C ALA C 176 -11.07 26.84 16.15
N PHE C 177 -12.16 26.23 16.63
CA PHE C 177 -13.20 25.70 15.75
C PHE C 177 -14.48 26.04 16.42
N GLY C 178 -15.52 26.34 15.64
CA GLY C 178 -16.82 26.69 16.17
C GLY C 178 -17.95 25.88 15.54
N PRO C 179 -19.19 26.40 15.59
CA PRO C 179 -20.36 25.80 14.96
C PRO C 179 -20.12 25.57 13.47
N GLN C 180 -20.60 24.46 12.93
CA GLN C 180 -20.46 24.11 11.52
C GLN C 180 -19.03 23.85 11.09
N SER C 181 -18.11 23.58 12.02
CA SER C 181 -16.77 23.09 11.65
C SER C 181 -16.70 21.56 11.71
N ARG C 182 -15.50 21.02 11.53
CA ARG C 182 -15.32 19.55 11.62
C ARG C 182 -15.61 19.01 13.05
N PHE C 183 -15.63 19.88 14.06
CA PHE C 183 -15.93 19.43 15.44
C PHE C 183 -17.22 20.06 15.92
N GLY C 184 -18.03 20.59 15.00
CA GLY C 184 -19.17 21.38 15.39
C GLY C 184 -20.30 20.64 16.08
N ILE C 185 -20.30 19.33 15.97
CA ILE C 185 -21.31 18.49 16.62
C ILE C 185 -21.49 18.85 18.14
N ILE C 186 -20.41 19.20 18.81
CA ILE C 186 -20.49 19.68 20.16
C ILE C 186 -21.53 20.82 20.34
N HIS C 187 -21.51 21.79 19.43
CA HIS C 187 -22.41 22.95 19.48
C HIS C 187 -23.69 22.68 18.72
N ASP C 188 -23.56 22.07 17.55
CA ASP C 188 -24.67 22.00 16.58
C ASP C 188 -25.65 20.91 16.91
N VAL C 189 -25.15 19.79 17.42
CA VAL C 189 -26.04 18.68 17.77
C VAL C 189 -26.26 18.45 19.27
N LEU C 190 -25.23 18.64 20.08
CA LEU C 190 -25.33 18.37 21.51
C LEU C 190 -25.74 19.57 22.30
N GLY C 191 -25.99 20.68 21.64
CA GLY C 191 -26.49 21.87 22.29
C GLY C 191 -25.59 22.69 23.20
N ILE C 192 -24.29 22.44 23.21
CA ILE C 192 -23.40 23.23 24.05
C ILE C 192 -23.15 24.57 23.40
N ASN C 193 -23.44 25.66 24.12
CA ASN C 193 -23.15 27.03 23.59
C ASN C 193 -21.69 27.26 23.30
N ALA C 194 -21.44 28.06 22.28
CA ALA C 194 -20.09 28.47 21.92
C ALA C 194 -19.68 29.79 22.55
N VAL C 195 -18.41 29.93 22.95
CA VAL C 195 -17.90 31.24 23.37
C VAL C 195 -17.86 32.22 22.21
N ASP C 196 -17.68 31.74 20.98
CA ASP C 196 -17.60 32.60 19.81
C ASP C 196 -18.31 31.97 18.63
N GLU C 197 -19.42 32.60 18.26
CA GLU C 197 -20.23 32.19 17.12
C GLU C 197 -19.60 32.50 15.78
N ASN C 198 -18.61 33.39 15.73
CA ASN C 198 -18.09 33.87 14.45
C ASN C 198 -16.72 33.33 14.09
N ILE C 199 -16.43 32.08 14.44
CA ILE C 199 -15.17 31.45 14.03
C ILE C 199 -15.30 30.92 12.58
N LYS C 200 -14.47 31.45 11.67
CA LYS C 200 -14.40 30.96 10.28
C LYS C 200 -13.86 29.53 10.19
N VAL C 201 -14.55 28.69 9.43
CA VAL C 201 -14.01 27.35 9.15
C VAL C 201 -12.89 27.57 8.09
N GLY C 202 -11.68 26.99 8.20
CA GLY C 202 -11.31 25.92 9.09
C GLY C 202 -11.10 24.69 8.22
N THR C 203 -10.52 23.67 8.81
CA THR C 203 -10.10 22.43 8.13
C THR C 203 -9.10 21.95 9.14
N HIS C 204 -8.04 22.75 9.29
CA HIS C 204 -7.20 22.71 10.47
C HIS C 204 -7.36 24.05 11.29
N GLY C 205 -8.39 24.88 10.97
CA GLY C 205 -8.99 25.87 11.91
C GLY C 205 -8.44 27.29 11.87
N LYS C 206 -8.98 28.16 12.73
CA LYS C 206 -8.45 29.52 12.94
C LYS C 206 -7.30 29.57 13.94
N SER C 207 -6.20 30.19 13.51
CA SER C 207 -5.05 30.37 14.37
C SER C 207 -5.29 31.30 15.57
N ILE C 208 -4.95 30.85 16.77
CA ILE C 208 -5.14 31.63 17.97
C ILE C 208 -3.97 31.38 18.94
N ASN C 209 -3.98 32.07 20.09
CA ASN C 209 -2.98 31.87 21.13
C ASN C 209 -3.66 31.84 22.46
N SER C 210 -2.90 31.70 23.53
CA SER C 210 -3.50 31.62 24.86
C SER C 210 -4.19 32.91 25.33
N GLU C 211 -3.73 34.06 24.86
CA GLU C 211 -4.35 35.31 25.25
C GLU C 211 -5.81 35.30 24.81
N PHE C 212 -6.03 34.80 23.59
CA PHE C 212 -7.39 34.66 23.01
C PHE C 212 -8.29 33.75 23.86
N ILE C 213 -7.72 32.65 24.36
CA ILE C 213 -8.45 31.70 25.20
C ILE C 213 -8.86 32.42 26.48
N LEU C 214 -7.91 33.10 27.10
CA LEU C 214 -8.23 33.81 28.33
C LEU C 214 -9.31 34.86 28.09
N GLU C 215 -9.15 35.63 27.03
CA GLU C 215 -10.10 36.68 26.69
C GLU C 215 -11.50 36.14 26.59
N LYS C 216 -11.66 34.99 25.94
CA LYS C 216 -13.00 34.37 25.83
C LYS C 216 -13.44 33.80 27.17
N ASN C 217 -12.49 33.30 27.95
CA ASN C 217 -12.79 32.70 29.24
C ASN C 217 -13.93 31.69 29.22
N PRO C 218 -13.71 30.61 28.47
CA PRO C 218 -14.74 29.59 28.38
C PRO C 218 -14.94 28.84 29.68
N ASP C 219 -16.14 28.34 29.90
CA ASP C 219 -16.40 27.43 31.01
C ASP C 219 -15.89 26.00 30.72
N TYR C 220 -15.85 25.61 29.44
CA TYR C 220 -15.27 24.31 29.02
C TYR C 220 -14.32 24.57 27.88
N ILE C 221 -13.19 23.88 27.86
CA ILE C 221 -12.36 23.82 26.63
C ILE C 221 -12.24 22.35 26.17
N PHE C 222 -12.69 22.09 24.95
CA PHE C 222 -12.60 20.78 24.36
C PHE C 222 -11.37 20.76 23.46
N VAL C 223 -10.43 19.86 23.77
CA VAL C 223 -9.13 19.82 23.08
C VAL C 223 -8.98 18.55 22.22
N VAL C 224 -8.60 18.72 20.97
CA VAL C 224 -8.26 17.58 20.06
C VAL C 224 -6.79 17.71 19.72
N ASP C 225 -5.98 16.74 20.18
CA ASP C 225 -4.53 16.87 20.04
C ASP C 225 -4.03 16.05 18.87
N ARG C 226 -3.79 16.74 17.76
CA ARG C 226 -3.36 16.05 16.52
C ARG C 226 -1.96 15.42 16.67
N ASN C 227 -1.15 15.99 17.54
CA ASN C 227 0.20 15.45 17.77
C ASN C 227 0.22 14.00 18.11
N VAL C 228 -0.80 13.55 18.83
CA VAL C 228 -0.85 12.17 19.27
C VAL C 228 -1.00 11.21 18.09
N ILE C 229 -1.76 11.62 17.10
CA ILE C 229 -1.91 10.84 15.90
C ILE C 229 -0.65 10.87 15.02
N LEU C 230 0.00 12.02 14.85
CA LEU C 230 1.19 12.15 13.96
C LEU C 230 2.48 11.68 14.66
N GLY C 231 2.40 11.33 15.94
CA GLY C 231 3.59 10.98 16.73
C GLY C 231 4.63 12.10 16.88
N ASN C 232 4.21 13.35 16.95
CA ASN C 232 5.11 14.42 17.32
C ASN C 232 5.37 14.26 18.81
N LYS C 233 6.33 15.01 19.35
CA LYS C 233 6.63 14.92 20.76
C LYS C 233 5.77 15.89 21.58
N GLU C 234 5.29 17.00 20.97
CA GLU C 234 4.55 17.99 21.74
C GLU C 234 3.13 17.56 22.11
N ARG C 235 2.63 18.04 23.24
CA ARG C 235 1.35 17.55 23.75
C ARG C 235 0.57 18.72 24.20
N ALA C 236 -0.71 18.68 23.93
CA ALA C 236 -1.61 19.77 24.35
C ALA C 236 -1.52 20.13 25.82
N GLN C 237 -1.34 19.13 26.65
CA GLN C 237 -1.26 19.38 28.08
C GLN C 237 -0.09 20.32 28.38
N GLY C 238 1.00 20.20 27.63
CA GLY C 238 2.16 21.10 27.77
C GLY C 238 1.92 22.50 27.28
N ILE C 239 1.42 22.60 26.05
CA ILE C 239 1.04 23.84 25.45
C ILE C 239 0.11 24.64 26.34
N LEU C 240 -0.89 24.00 26.94
CA LEU C 240 -1.89 24.72 27.74
C LEU C 240 -1.48 24.93 29.21
N ASP C 241 -0.30 24.48 29.59
CA ASP C 241 0.13 24.63 30.96
C ASP C 241 0.83 25.99 31.08
N ASN C 242 0.04 27.05 31.11
CA ASN C 242 0.59 28.41 31.21
C ASN C 242 -0.35 29.29 31.98
N ALA C 243 0.13 30.48 32.35
CA ALA C 243 -0.58 31.32 33.29
C ALA C 243 -1.85 31.96 32.73
N LEU C 244 -1.90 32.18 31.43
CA LEU C 244 -3.11 32.72 30.82
C LEU C 244 -4.28 31.70 30.88
N VAL C 245 -4.01 30.48 30.43
CA VAL C 245 -5.00 29.42 30.47
C VAL C 245 -5.38 29.07 31.89
N ALA C 246 -4.38 28.96 32.78
CA ALA C 246 -4.62 28.62 34.19
C ALA C 246 -5.69 29.50 34.85
N LYS C 247 -5.80 30.75 34.42
CA LYS C 247 -6.75 31.70 35.02
C LYS C 247 -8.21 31.44 34.59
N THR C 248 -8.41 30.66 33.52
CA THR C 248 -9.72 30.55 32.94
C THR C 248 -10.69 29.74 33.80
N LYS C 249 -11.99 29.98 33.66
CA LYS C 249 -13.01 29.18 34.37
C LYS C 249 -12.90 27.68 34.07
N ALA C 250 -12.62 27.36 32.80
CA ALA C 250 -12.33 25.98 32.43
C ALA C 250 -11.16 25.32 33.21
N ALA C 251 -10.03 25.99 33.30
CA ALA C 251 -8.86 25.44 34.01
C ALA C 251 -9.15 25.33 35.49
N GLN C 252 -9.79 26.34 36.05
CA GLN C 252 -10.03 26.35 37.48
C GLN C 252 -11.04 25.32 37.90
N ASN C 253 -11.99 24.99 37.02
CA ASN C 253 -12.99 23.98 37.32
C ASN C 253 -12.63 22.59 36.73
N LYS C 254 -11.40 22.43 36.24
CA LYS C 254 -10.93 21.21 35.62
C LYS C 254 -11.92 20.74 34.54
N LYS C 255 -12.27 21.65 33.66
CA LYS C 255 -13.11 21.34 32.51
C LYS C 255 -12.32 21.57 31.24
N ILE C 256 -11.01 21.27 31.29
CA ILE C 256 -10.22 21.17 30.08
C ILE C 256 -10.26 19.71 29.69
N ILE C 257 -10.97 19.42 28.58
CA ILE C 257 -11.32 18.06 28.22
C ILE C 257 -10.49 17.61 27.04
N TYR C 258 -9.61 16.64 27.25
CA TYR C 258 -8.74 16.11 26.22
C TYR C 258 -9.42 14.97 25.50
N LEU C 259 -10.08 15.30 24.38
CA LEU C 259 -10.90 14.32 23.71
C LEU C 259 -9.98 13.30 23.01
N ASP C 260 -10.40 12.05 23.01
CA ASP C 260 -9.63 11.01 22.37
C ASP C 260 -9.51 11.28 20.86
N PRO C 261 -8.32 11.62 20.41
CA PRO C 261 -8.09 11.96 19.00
C PRO C 261 -8.28 10.78 18.02
N GLU C 262 -8.20 9.55 18.51
CA GLU C 262 -8.53 8.37 17.69
C GLU C 262 -10.00 8.35 17.28
N TYR C 263 -10.87 9.07 17.99
CA TYR C 263 -12.26 9.25 17.57
C TYR C 263 -12.40 10.63 16.86
N TRP C 264 -11.98 11.71 17.51
CA TRP C 264 -12.30 13.05 17.03
C TRP C 264 -11.47 13.53 15.84
N TYR C 265 -10.18 13.17 15.80
CA TYR C 265 -9.31 13.63 14.74
C TYR C 265 -9.41 12.66 13.60
N LEU C 266 -9.29 11.37 13.91
CA LEU C 266 -9.46 10.34 12.87
C LEU C 266 -10.87 10.40 12.31
N ALA C 267 -11.81 10.87 13.14
CA ALA C 267 -13.17 11.29 12.69
C ALA C 267 -14.02 10.09 12.32
N SER C 268 -14.31 9.26 13.31
CA SER C 268 -15.09 8.06 13.10
C SER C 268 -16.61 8.31 13.37
N GLY C 269 -17.09 9.48 12.96
CA GLY C 269 -18.43 9.94 13.19
C GLY C 269 -19.44 9.16 12.39
N ASN C 270 -18.98 8.42 11.36
CA ASN C 270 -19.83 7.53 10.57
C ASN C 270 -20.18 6.22 11.25
N GLY C 271 -19.58 5.97 12.41
CA GLY C 271 -19.79 4.73 13.08
C GLY C 271 -21.00 4.70 13.96
N LEU C 272 -21.83 3.71 13.77
CA LEU C 272 -22.98 3.51 14.64
C LEU C 272 -22.65 3.30 16.11
N GLU C 273 -21.52 2.71 16.41
CA GLU C 273 -21.13 2.55 17.80
C GLU C 273 -20.15 3.66 18.21
N SER C 274 -19.25 4.05 17.32
CA SER C 274 -18.25 5.01 17.67
C SER C 274 -18.82 6.41 17.85
N LEU C 275 -19.87 6.76 17.09
CA LEU C 275 -20.50 8.07 17.29
C LEU C 275 -21.14 8.08 18.66
N LYS C 276 -21.75 6.97 19.05
CA LYS C 276 -22.35 6.90 20.37
C LYS C 276 -21.32 7.10 21.47
N THR C 277 -20.13 6.50 21.31
CA THR C 277 -19.03 6.72 22.27
C THR C 277 -18.60 8.18 22.39
N MET C 278 -18.50 8.86 21.24
CA MET C 278 -18.19 10.30 21.24
C MET C 278 -19.24 11.13 21.96
N ILE C 279 -20.50 10.85 21.75
CA ILE C 279 -21.59 11.53 22.44
C ILE C 279 -21.50 11.34 23.93
N LEU C 280 -21.32 10.10 24.35
CA LEU C 280 -21.09 9.81 25.76
C LEU C 280 -19.89 10.55 26.33
N GLU C 281 -18.84 10.71 25.55
CA GLU C 281 -17.61 11.40 25.99
C GLU C 281 -17.90 12.86 26.28
N ILE C 282 -18.70 13.48 25.43
CA ILE C 282 -19.09 14.87 25.63
C ILE C 282 -20.06 15.00 26.86
N LYS C 283 -21.08 14.16 26.89
CA LYS C 283 -22.06 14.15 28.01
C LYS C 283 -21.35 14.00 29.35
N ASN C 284 -20.48 13.03 29.46
CA ASN C 284 -19.75 12.79 30.70
C ASN C 284 -18.82 13.89 31.11
N ALA C 285 -18.32 14.67 30.13
CA ALA C 285 -17.47 15.78 30.41
C ALA C 285 -18.24 16.99 30.93
N VAL C 286 -19.50 17.17 30.58
CA VAL C 286 -20.26 18.31 31.09
C VAL C 286 -21.37 18.04 32.14
N LYS C 287 -21.74 16.78 32.40
CA LYS C 287 -22.88 16.49 33.31
C LYS C 287 -22.64 16.99 34.76
#